data_2J6P
#
_entry.id   2J6P
#
_cell.length_a   111.824
_cell.length_b   111.824
_cell.length_c   177.384
_cell.angle_alpha   90.00
_cell.angle_beta   90.00
_cell.angle_gamma   120.00
#
_symmetry.space_group_name_H-M   'P 32 2 1'
#
loop_
_entity.id
_entity.type
_entity.pdbx_description
1 polymer 'SB(V)-AS(V) REDUCTASE'
2 non-polymer '4-(2-HYDROXYETHYL)-1-PIPERAZINE ETHANESULFONIC ACID'
3 non-polymer GLYCEROL
4 non-polymer 'SULFATE ION'
5 water water
#
_entity_poly.entity_id   1
_entity_poly.type   'polypeptide(L)'
_entity_poly.pdbx_seq_one_letter_code
;MTNYTYIKPEELVELLDNPDSLVKAAVIDCRDSDRDCGFIVNSINMPTISCTEEMYEKLAKTLFEEKKELAVFHCAQSLV
RAPKGANRFALAQKKLGYVLPAVYVLRGGWEAFYHMYGDVRPDLMYVKLGPEQKLISEEDLNSAVDHHHHHH
;
_entity_poly.pdbx_strand_id   A,B,C,D,E,F
#
loop_
_chem_comp.id
_chem_comp.type
_chem_comp.name
_chem_comp.formula
EPE non-polymer '4-(2-HYDROXYETHYL)-1-PIPERAZINE ETHANESULFONIC ACID' 'C8 H18 N2 O4 S'
GOL non-polymer GLYCEROL 'C3 H8 O3'
SO4 non-polymer 'SULFATE ION' 'O4 S -2'
#
# COMPACT_ATOMS: atom_id res chain seq x y z
N ASN A 3 13.08 -10.25 -14.95
CA ASN A 3 12.90 -9.43 -16.25
C ASN A 3 11.44 -9.92 -16.76
N TYR A 4 10.66 -8.94 -17.20
CA TYR A 4 9.46 -9.21 -17.90
C TYR A 4 9.38 -7.99 -18.75
N THR A 5 8.52 -8.04 -19.74
CA THR A 5 8.17 -6.82 -20.40
C THR A 5 6.63 -6.66 -20.26
N TYR A 6 6.08 -5.51 -20.68
CA TYR A 6 4.67 -5.30 -20.49
C TYR A 6 3.86 -5.73 -21.71
N ILE A 7 2.63 -6.20 -21.44
CA ILE A 7 1.72 -6.39 -22.55
C ILE A 7 0.47 -5.56 -22.27
N LYS A 8 -0.14 -5.02 -23.32
CA LYS A 8 -1.35 -4.23 -23.10
C LYS A 8 -2.54 -5.11 -23.13
N PRO A 9 -3.70 -4.62 -22.59
CA PRO A 9 -4.89 -5.41 -22.57
C PRO A 9 -5.29 -5.79 -23.97
N GLU A 10 -5.14 -4.92 -24.96
CA GLU A 10 -5.62 -5.31 -26.33
C GLU A 10 -4.84 -6.48 -26.80
N GLU A 11 -3.53 -6.45 -26.54
CA GLU A 11 -2.61 -7.49 -26.92
C GLU A 11 -2.91 -8.82 -26.24
N LEU A 12 -3.32 -8.80 -24.95
CA LEU A 12 -3.76 -9.99 -24.30
C LEU A 12 -5.11 -10.53 -24.90
N VAL A 13 -6.04 -9.68 -25.22
CA VAL A 13 -7.24 -10.19 -25.84
C VAL A 13 -6.95 -10.92 -27.21
N GLU A 14 -6.08 -10.36 -28.04
CA GLU A 14 -5.67 -11.02 -29.27
C GLU A 14 -5.21 -12.46 -28.96
N LEU A 15 -4.48 -12.69 -27.86
CA LEU A 15 -3.94 -13.99 -27.56
C LEU A 15 -5.03 -14.90 -27.11
N LEU A 16 -5.97 -14.36 -26.38
CA LEU A 16 -6.99 -15.15 -25.77
C LEU A 16 -7.94 -15.61 -26.86
N ASP A 17 -8.00 -14.87 -27.97
CA ASP A 17 -9.09 -14.99 -28.96
C ASP A 17 -8.66 -15.93 -30.06
N ASN A 18 -7.41 -16.24 -30.05
CA ASN A 18 -6.87 -17.10 -31.01
C ASN A 18 -6.61 -18.44 -30.34
N PRO A 19 -7.29 -19.51 -30.79
CA PRO A 19 -7.20 -20.88 -30.20
C PRO A 19 -5.76 -21.37 -30.05
N ASP A 20 -4.96 -21.17 -31.08
CA ASP A 20 -3.58 -21.53 -31.01
C ASP A 20 -2.80 -20.74 -29.94
N SER A 21 -2.91 -19.38 -29.94
CA SER A 21 -2.18 -18.54 -28.91
C SER A 21 -2.68 -18.90 -27.51
N LEU A 22 -3.93 -19.32 -27.46
CA LEU A 22 -4.53 -19.55 -26.19
C LEU A 22 -3.84 -20.73 -25.56
N VAL A 23 -3.80 -21.88 -26.22
CA VAL A 23 -3.06 -23.09 -25.60
C VAL A 23 -1.53 -22.85 -25.30
N LYS A 24 -0.91 -21.85 -25.91
CA LYS A 24 0.52 -21.45 -25.59
C LYS A 24 0.69 -20.36 -24.47
N ALA A 25 -0.47 -19.90 -23.98
CA ALA A 25 -0.49 -18.74 -23.04
C ALA A 25 -1.01 -19.16 -21.69
N ALA A 26 -0.39 -18.64 -20.64
CA ALA A 26 -0.96 -18.80 -19.31
C ALA A 26 -1.14 -17.42 -18.66
N VAL A 27 -2.17 -17.29 -17.81
CA VAL A 27 -2.54 -15.97 -17.17
C VAL A 27 -2.33 -16.25 -15.71
N ILE A 28 -1.39 -15.54 -15.09
CA ILE A 28 -1.01 -15.78 -13.65
C ILE A 28 -1.65 -14.59 -12.86
N ASP A 29 -2.67 -14.88 -12.10
CA ASP A 29 -3.32 -13.85 -11.36
C ASP A 29 -2.63 -13.77 -9.96
N CYS A 30 -2.09 -12.62 -9.61
CA CYS A 30 -1.25 -12.52 -8.40
C CYS A 30 -1.96 -11.89 -7.27
N ARG A 31 -3.31 -11.76 -7.40
CA ARG A 31 -4.19 -11.17 -6.36
C ARG A 31 -4.36 -12.03 -5.14
N ASP A 32 -4.88 -11.46 -4.04
CA ASP A 32 -5.04 -12.26 -2.84
C ASP A 32 -6.49 -12.26 -2.28
N SER A 33 -6.84 -11.33 -1.43
CA SER A 33 -8.21 -11.30 -0.91
C SER A 33 -9.08 -10.47 -1.84
N ASP A 34 -8.48 -9.83 -2.85
CA ASP A 34 -9.30 -9.05 -3.84
C ASP A 34 -9.39 -9.83 -5.14
N ARG A 35 -8.98 -11.10 -5.14
CA ARG A 35 -9.03 -11.90 -6.35
C ARG A 35 -10.42 -12.04 -6.94
N ASP A 36 -11.44 -12.17 -6.07
CA ASP A 36 -12.75 -12.55 -6.56
C ASP A 36 -13.47 -11.29 -7.06
N CYS A 37 -12.85 -10.12 -7.12
CA CYS A 37 -13.44 -8.99 -7.88
C CYS A 37 -13.91 -9.47 -9.25
N GLY A 38 -13.12 -10.32 -9.90
CA GLY A 38 -13.44 -10.79 -11.28
C GLY A 38 -12.11 -11.35 -11.80
N PHE A 39 -12.18 -12.29 -12.75
CA PHE A 39 -10.98 -12.91 -13.24
C PHE A 39 -11.10 -13.46 -14.63
N ILE A 40 -9.97 -13.83 -15.24
CA ILE A 40 -9.92 -14.50 -16.53
C ILE A 40 -10.02 -15.95 -16.31
N VAL A 41 -10.83 -16.65 -17.16
CA VAL A 41 -11.14 -18.10 -16.78
C VAL A 41 -9.84 -18.90 -16.94
N ASN A 42 -9.66 -19.93 -16.08
CA ASN A 42 -8.37 -20.67 -16.15
C ASN A 42 -7.13 -19.77 -15.86
N SER A 43 -7.29 -18.55 -15.30
CA SER A 43 -6.11 -17.92 -14.72
C SER A 43 -5.62 -18.82 -13.56
N ILE A 44 -4.30 -18.84 -13.40
CA ILE A 44 -3.61 -19.54 -12.33
C ILE A 44 -3.37 -18.60 -11.17
N ASN A 45 -3.84 -18.92 -9.97
CA ASN A 45 -3.69 -17.95 -8.87
C ASN A 45 -2.37 -18.11 -8.18
N MET A 46 -1.50 -17.09 -8.19
CA MET A 46 -0.32 -17.28 -7.41
C MET A 46 -0.23 -16.02 -6.57
N PRO A 47 -0.82 -16.04 -5.36
CA PRO A 47 -0.93 -14.73 -4.67
C PRO A 47 0.49 -14.32 -4.27
N THR A 48 0.89 -13.18 -4.79
CA THR A 48 2.25 -12.68 -4.45
C THR A 48 2.51 -12.58 -2.92
N ILE A 49 1.48 -12.21 -2.15
CA ILE A 49 1.69 -11.97 -0.76
C ILE A 49 2.15 -13.19 -0.01
N SER A 50 1.79 -14.40 -0.45
CA SER A 50 2.03 -15.53 0.36
C SER A 50 2.74 -16.68 -0.36
N CYS A 51 2.92 -16.62 -1.70
CA CYS A 51 3.62 -17.68 -2.45
C CYS A 51 5.08 -17.76 -2.10
N THR A 52 5.65 -18.98 -2.06
CA THR A 52 7.01 -19.13 -1.62
C THR A 52 7.82 -19.60 -2.81
N GLU A 53 9.15 -19.61 -2.69
CA GLU A 53 10.05 -19.83 -3.77
C GLU A 53 9.78 -21.14 -4.52
N GLU A 54 9.61 -22.28 -3.80
CA GLU A 54 9.37 -23.58 -4.47
C GLU A 54 8.10 -23.55 -5.28
N MET A 55 7.15 -22.68 -4.88
CA MET A 55 5.89 -22.66 -5.60
C MET A 55 6.17 -22.09 -7.02
N TYR A 56 7.00 -21.04 -7.12
CA TYR A 56 7.32 -20.46 -8.45
C TYR A 56 8.18 -21.47 -9.27
N GLU A 57 9.02 -22.25 -8.63
CA GLU A 57 9.82 -23.34 -9.27
C GLU A 57 8.93 -24.36 -9.85
N LYS A 58 7.89 -24.76 -9.10
CA LYS A 58 7.00 -25.81 -9.61
C LYS A 58 6.13 -25.17 -10.70
N LEU A 59 5.76 -23.88 -10.56
CA LEU A 59 5.01 -23.34 -11.70
C LEU A 59 5.89 -23.30 -13.01
N ALA A 60 7.16 -22.88 -12.84
CA ALA A 60 8.09 -22.80 -13.99
C ALA A 60 8.15 -24.18 -14.63
N LYS A 61 8.34 -25.25 -13.85
CA LYS A 61 8.47 -26.57 -14.53
C LYS A 61 7.14 -26.92 -15.20
N THR A 62 6.02 -26.64 -14.50
CA THR A 62 4.68 -27.02 -15.06
C THR A 62 4.44 -26.30 -16.33
N LEU A 63 4.72 -25.00 -16.36
CA LEU A 63 4.45 -24.30 -17.61
C LEU A 63 5.37 -24.71 -18.75
N PHE A 64 6.65 -24.94 -18.40
CA PHE A 64 7.55 -25.41 -19.38
C PHE A 64 7.03 -26.75 -20.00
N GLU A 65 6.63 -27.67 -19.14
CA GLU A 65 6.20 -28.96 -19.60
C GLU A 65 4.91 -28.88 -20.34
N GLU A 66 4.04 -27.92 -20.00
CA GLU A 66 2.84 -27.73 -20.79
C GLU A 66 3.10 -27.00 -22.08
N LYS A 67 4.37 -26.71 -22.37
CA LYS A 67 4.66 -26.01 -23.66
C LYS A 67 4.17 -24.56 -23.75
N LYS A 68 3.97 -23.89 -22.60
CA LYS A 68 3.50 -22.51 -22.65
C LYS A 68 4.63 -21.70 -23.24
N GLU A 69 4.30 -20.67 -24.01
CA GLU A 69 5.34 -19.74 -24.53
C GLU A 69 5.19 -18.39 -23.96
N LEU A 70 4.04 -18.07 -23.39
CA LEU A 70 3.91 -16.76 -22.72
C LEU A 70 3.26 -16.95 -21.32
N ALA A 71 3.77 -16.22 -20.33
CA ALA A 71 3.11 -16.25 -18.99
C ALA A 71 2.86 -14.80 -18.70
N VAL A 72 1.57 -14.47 -18.53
CA VAL A 72 1.15 -13.08 -18.38
C VAL A 72 0.68 -12.90 -16.90
N PHE A 73 1.45 -12.14 -16.14
CA PHE A 73 1.16 -11.91 -14.76
C PHE A 73 0.25 -10.65 -14.68
N HIS A 74 -0.82 -10.73 -13.87
CA HIS A 74 -1.55 -9.46 -13.55
C HIS A 74 -1.96 -9.48 -12.08
N CYS A 75 -2.28 -8.32 -11.58
CA CYS A 75 -2.95 -8.28 -10.27
C CYS A 75 -4.09 -7.27 -10.43
N ALA A 76 -4.30 -6.35 -9.49
CA ALA A 76 -5.41 -5.35 -9.66
C ALA A 76 -4.91 -4.21 -10.51
N GLN A 77 -3.74 -3.65 -10.17
CA GLN A 77 -3.22 -2.49 -10.95
C GLN A 77 -2.02 -2.86 -11.66
N SER A 78 -1.48 -4.06 -11.37
CA SER A 78 -0.20 -4.48 -11.94
C SER A 78 1.00 -3.54 -11.62
N LEU A 79 0.96 -2.94 -10.41
CA LEU A 79 2.01 -1.97 -10.01
C LEU A 79 2.90 -2.60 -8.96
N VAL A 80 2.33 -3.49 -8.15
CA VAL A 80 3.10 -4.09 -7.06
C VAL A 80 3.07 -5.60 -7.20
N ARG A 81 1.88 -6.18 -7.10
CA ARG A 81 1.89 -7.64 -6.94
C ARG A 81 2.25 -8.36 -8.21
N ALA A 82 1.81 -7.88 -9.39
CA ALA A 82 2.11 -8.66 -10.64
C ALA A 82 3.60 -8.54 -10.95
N PRO A 83 4.14 -7.32 -10.96
CA PRO A 83 5.58 -7.35 -11.25
C PRO A 83 6.48 -8.07 -10.27
N LYS A 84 6.14 -8.02 -8.98
CA LYS A 84 6.85 -8.85 -8.01
C LYS A 84 6.75 -10.31 -8.31
N GLY A 85 5.53 -10.83 -8.56
CA GLY A 85 5.35 -12.26 -8.98
C GLY A 85 6.16 -12.58 -10.23
N ALA A 86 6.17 -11.65 -11.19
CA ALA A 86 6.90 -11.91 -12.48
C ALA A 86 8.41 -11.94 -12.25
N ASN A 87 8.90 -11.03 -11.39
CA ASN A 87 10.30 -11.06 -10.90
C ASN A 87 10.59 -12.42 -10.20
N ARG A 88 9.77 -12.82 -9.22
CA ARG A 88 10.01 -14.15 -8.57
C ARG A 88 10.00 -15.32 -9.60
N PHE A 89 9.03 -15.28 -10.51
CA PHE A 89 8.87 -16.28 -11.49
C PHE A 89 10.16 -16.32 -12.42
N ALA A 90 10.62 -15.16 -12.90
CA ALA A 90 11.69 -15.14 -13.86
C ALA A 90 12.91 -15.62 -13.10
N LEU A 91 13.10 -15.22 -11.82
CA LEU A 91 14.29 -15.73 -11.02
C LEU A 91 14.21 -17.25 -10.80
N ALA A 92 13.04 -17.79 -10.50
CA ALA A 92 12.90 -19.27 -10.45
C ALA A 92 13.15 -19.97 -11.79
N GLN A 93 12.70 -19.40 -12.90
CA GLN A 93 12.97 -20.05 -14.23
C GLN A 93 14.52 -20.07 -14.44
N LYS A 94 15.20 -18.96 -14.17
CA LYS A 94 16.63 -18.91 -14.37
C LYS A 94 17.26 -19.99 -13.43
N LYS A 95 16.84 -20.09 -12.17
CA LYS A 95 17.49 -21.03 -11.30
C LYS A 95 17.32 -22.46 -11.80
N LEU A 96 16.23 -22.76 -12.47
CA LEU A 96 15.97 -24.08 -12.81
C LEU A 96 16.54 -24.33 -14.21
N GLY A 97 16.85 -23.27 -14.95
CA GLY A 97 17.37 -23.40 -16.35
C GLY A 97 16.42 -23.31 -17.46
N TYR A 98 15.27 -22.63 -17.23
CA TYR A 98 14.23 -22.56 -18.27
C TYR A 98 14.20 -21.17 -18.85
N VAL A 99 13.80 -21.00 -20.09
CA VAL A 99 13.61 -19.61 -20.63
C VAL A 99 12.30 -19.56 -21.34
N LEU A 100 11.56 -20.67 -21.33
CA LEU A 100 10.20 -20.57 -21.79
C LEU A 100 9.27 -21.05 -20.65
N PRO A 101 8.06 -20.43 -20.50
CA PRO A 101 7.53 -19.29 -21.30
C PRO A 101 8.29 -18.00 -21.08
N ALA A 102 8.11 -17.04 -22.03
CA ALA A 102 8.63 -15.70 -21.78
C ALA A 102 7.61 -15.01 -20.81
N VAL A 103 8.10 -14.03 -20.09
CA VAL A 103 7.42 -13.43 -18.96
C VAL A 103 6.88 -12.01 -19.25
N TYR A 104 5.58 -11.77 -18.99
CA TYR A 104 4.96 -10.52 -19.27
C TYR A 104 4.13 -10.07 -18.08
N VAL A 105 3.97 -8.77 -17.95
CA VAL A 105 3.02 -8.16 -16.98
C VAL A 105 1.96 -7.40 -17.75
N LEU A 106 0.72 -7.64 -17.37
CA LEU A 106 -0.37 -7.08 -18.09
C LEU A 106 -0.43 -5.62 -17.52
N ARG A 107 -0.10 -4.66 -18.39
CA ARG A 107 -0.05 -3.24 -18.02
C ARG A 107 -1.44 -2.80 -17.45
N GLY A 108 -1.48 -2.24 -16.21
CA GLY A 108 -2.79 -1.76 -15.71
C GLY A 108 -3.62 -2.83 -14.99
N GLY A 109 -3.21 -4.08 -15.10
CA GLY A 109 -3.85 -5.15 -14.37
C GLY A 109 -5.29 -5.41 -14.66
N TRP A 110 -5.95 -6.13 -13.78
CA TRP A 110 -7.34 -6.51 -13.97
C TRP A 110 -8.22 -5.25 -14.14
N GLU A 111 -7.94 -4.21 -13.34
CA GLU A 111 -8.80 -2.98 -13.42
C GLU A 111 -8.77 -2.34 -14.79
N ALA A 112 -7.54 -2.18 -15.36
CA ALA A 112 -7.50 -1.60 -16.74
C ALA A 112 -8.13 -2.60 -17.82
N PHE A 113 -7.93 -3.92 -17.68
CA PHE A 113 -8.52 -4.90 -18.57
C PHE A 113 -10.06 -4.77 -18.47
N TYR A 114 -10.63 -4.95 -17.33
CA TYR A 114 -12.02 -4.90 -17.24
C TYR A 114 -12.58 -3.50 -17.59
N HIS A 115 -11.82 -2.43 -17.30
CA HIS A 115 -12.28 -1.12 -17.72
C HIS A 115 -12.37 -1.09 -19.27
N MET A 116 -11.43 -1.72 -19.94
CA MET A 116 -11.45 -1.60 -21.37
C MET A 116 -12.47 -2.52 -22.00
N TYR A 117 -12.72 -3.67 -21.39
CA TYR A 117 -13.37 -4.73 -22.10
C TYR A 117 -14.57 -5.19 -21.45
N GLY A 118 -14.77 -4.77 -20.21
CA GLY A 118 -15.88 -5.38 -19.45
C GLY A 118 -17.23 -5.23 -20.12
N ASP A 119 -17.42 -4.12 -20.80
CA ASP A 119 -18.75 -3.84 -21.31
C ASP A 119 -18.90 -4.29 -22.76
N VAL A 120 -17.82 -4.66 -23.42
CA VAL A 120 -17.92 -5.14 -24.74
C VAL A 120 -17.45 -6.54 -24.95
N ARG A 121 -16.66 -7.09 -24.06
CA ARG A 121 -16.26 -8.52 -24.19
C ARG A 121 -16.57 -9.25 -22.91
N PRO A 122 -17.84 -9.29 -22.57
CA PRO A 122 -18.12 -9.95 -21.32
C PRO A 122 -17.82 -11.45 -21.32
N ASP A 123 -17.46 -12.02 -22.46
CA ASP A 123 -17.27 -13.46 -22.58
C ASP A 123 -15.91 -13.69 -21.90
N LEU A 124 -15.14 -12.64 -21.65
CA LEU A 124 -13.79 -12.85 -21.10
C LEU A 124 -13.74 -12.73 -19.62
N MET A 125 -14.83 -12.25 -19.04
CA MET A 125 -14.88 -11.88 -17.62
C MET A 125 -15.66 -12.90 -16.79
N TYR A 126 -15.04 -13.50 -15.79
CA TYR A 126 -15.68 -14.46 -14.91
C TYR A 126 -15.85 -13.92 -13.49
N VAL A 127 -16.86 -14.40 -12.80
CA VAL A 127 -17.09 -14.09 -11.40
C VAL A 127 -17.44 -15.42 -10.79
N LYS A 128 -17.55 -15.37 -9.46
CA LYS A 128 -18.08 -16.48 -8.70
C LYS A 128 -19.43 -16.09 -8.10
N LEU A 129 -20.39 -17.02 -8.14
CA LEU A 129 -21.76 -16.65 -7.83
C LEU A 129 -22.46 -17.78 -7.04
N GLY A 130 -23.35 -17.39 -6.11
CA GLY A 130 -24.29 -18.33 -5.46
C GLY A 130 -23.86 -18.89 -4.10
N PRO A 131 -24.69 -19.79 -3.54
CA PRO A 131 -24.27 -20.42 -2.26
C PRO A 131 -23.01 -21.28 -2.43
N GLU A 132 -22.78 -21.78 -3.64
CA GLU A 132 -21.61 -22.63 -3.93
C GLU A 132 -20.44 -21.75 -4.43
N GLN A 133 -20.67 -20.43 -4.60
CA GLN A 133 -19.68 -19.56 -5.27
C GLN A 133 -19.15 -20.27 -6.58
N LYS A 134 -20.06 -20.59 -7.49
CA LYS A 134 -19.70 -21.18 -8.78
C LYS A 134 -19.37 -20.10 -9.86
N LEU A 135 -18.35 -20.45 -10.63
CA LEU A 135 -17.85 -19.75 -11.78
C LEU A 135 -18.82 -19.57 -12.89
N ILE A 136 -18.88 -18.34 -13.40
CA ILE A 136 -19.68 -18.09 -14.58
C ILE A 136 -19.15 -16.83 -15.28
N SER A 137 -19.23 -16.82 -16.59
CA SER A 137 -18.85 -15.60 -17.31
C SER A 137 -19.95 -14.54 -17.24
N GLU A 138 -19.59 -13.28 -17.44
CA GLU A 138 -20.56 -12.17 -17.42
C GLU A 138 -21.47 -12.28 -18.62
N GLU A 139 -20.92 -12.86 -19.68
CA GLU A 139 -21.72 -13.13 -20.86
C GLU A 139 -22.95 -14.00 -20.49
N ASP A 140 -22.72 -15.07 -19.73
CA ASP A 140 -23.76 -16.01 -19.40
C ASP A 140 -24.68 -15.36 -18.42
N LEU A 141 -24.10 -14.55 -17.55
CA LEU A 141 -24.91 -13.78 -16.62
C LEU A 141 -25.86 -12.80 -17.36
N ASN A 142 -25.34 -12.06 -18.33
CA ASN A 142 -26.16 -11.23 -19.22
C ASN A 142 -27.32 -12.03 -19.90
N SER A 143 -27.00 -13.24 -20.38
CA SER A 143 -28.03 -14.08 -20.97
C SER A 143 -29.10 -14.45 -19.98
N ALA A 144 -28.71 -14.87 -18.78
CA ALA A 144 -29.69 -15.30 -17.85
C ALA A 144 -30.54 -14.11 -17.46
N VAL A 145 -29.96 -12.94 -17.35
CA VAL A 145 -30.71 -11.78 -16.95
C VAL A 145 -31.85 -11.47 -17.99
N ASP A 146 -31.57 -11.50 -19.29
CA ASP A 146 -32.60 -11.65 -20.34
C ASP A 146 -33.60 -12.89 -20.19
N HIS A 147 -34.68 -12.76 -19.37
CA HIS A 147 -35.30 -13.95 -18.68
C HIS A 147 -35.18 -13.91 -17.15
N ASN B 3 -11.98 11.10 15.07
CA ASN B 3 -12.70 9.78 15.74
C ASN B 3 -13.87 8.74 15.29
N TYR B 4 -13.87 7.52 15.70
CA TYR B 4 -14.93 6.56 15.24
C TYR B 4 -14.71 5.35 16.07
N THR B 5 -15.66 4.45 16.12
CA THR B 5 -15.44 3.17 16.73
C THR B 5 -15.86 2.17 15.67
N TYR B 6 -15.63 0.86 15.93
CA TYR B 6 -15.83 -0.18 14.90
C TYR B 6 -17.19 -0.82 15.00
N ILE B 7 -17.78 -1.20 13.86
CA ILE B 7 -18.98 -1.98 13.87
C ILE B 7 -18.60 -3.31 13.13
N LYS B 8 -19.08 -4.46 13.61
CA LYS B 8 -18.91 -5.74 12.88
C LYS B 8 -19.91 -5.89 11.71
N PRO B 9 -19.60 -6.76 10.75
CA PRO B 9 -20.54 -7.09 9.65
C PRO B 9 -21.93 -7.56 10.15
N GLU B 10 -21.97 -8.44 11.17
CA GLU B 10 -23.20 -8.91 11.83
C GLU B 10 -24.12 -7.77 12.27
N GLU B 11 -23.53 -6.74 12.91
CA GLU B 11 -24.17 -5.52 13.34
C GLU B 11 -24.63 -4.62 12.25
N LEU B 12 -23.82 -4.46 11.21
CA LEU B 12 -24.27 -3.74 10.09
C LEU B 12 -25.43 -4.49 9.49
N VAL B 13 -25.36 -5.81 9.25
CA VAL B 13 -26.52 -6.49 8.65
C VAL B 13 -27.79 -6.18 9.55
N GLU B 14 -27.64 -6.25 10.86
CA GLU B 14 -28.76 -5.91 11.73
C GLU B 14 -29.31 -4.48 11.46
N LEU B 15 -28.45 -3.47 11.23
CA LEU B 15 -28.98 -2.16 10.82
C LEU B 15 -29.70 -2.19 9.50
N LEU B 16 -29.06 -2.69 8.47
CA LEU B 16 -29.73 -2.76 7.17
C LEU B 16 -31.10 -3.52 7.14
N ASP B 17 -31.25 -4.49 8.00
CA ASP B 17 -32.43 -5.40 7.97
C ASP B 17 -33.66 -4.78 8.69
N ASN B 18 -33.37 -3.92 9.64
CA ASN B 18 -34.35 -3.19 10.39
C ASN B 18 -34.63 -1.90 9.68
N PRO B 19 -35.83 -1.75 9.09
CA PRO B 19 -36.12 -0.55 8.28
C PRO B 19 -36.13 0.78 9.11
N ASP B 20 -36.35 0.74 10.42
CA ASP B 20 -36.11 1.99 11.19
C ASP B 20 -34.62 2.38 11.24
N SER B 21 -33.79 1.46 11.77
CA SER B 21 -32.32 1.55 11.67
C SER B 21 -31.90 2.04 10.27
N LEU B 22 -32.35 1.36 9.23
CA LEU B 22 -31.96 1.65 7.88
C LEU B 22 -32.12 3.15 7.44
N VAL B 23 -33.21 3.84 7.81
CA VAL B 23 -33.38 5.29 7.42
C VAL B 23 -32.41 6.18 8.21
N LYS B 24 -32.00 5.65 9.33
CA LYS B 24 -31.05 6.33 10.14
C LYS B 24 -29.59 5.97 9.83
N ALA B 25 -29.34 5.10 8.86
CA ALA B 25 -27.93 4.68 8.58
C ALA B 25 -27.49 5.21 7.21
N ALA B 26 -26.22 5.56 7.11
CA ALA B 26 -25.66 5.83 5.78
C ALA B 26 -24.43 4.95 5.68
N VAL B 27 -24.22 4.35 4.51
CA VAL B 27 -23.03 3.50 4.22
C VAL B 27 -22.15 4.35 3.29
N ILE B 28 -20.95 4.70 3.80
CA ILE B 28 -19.95 5.44 3.04
C ILE B 28 -18.81 4.49 2.43
N ASP B 29 -18.87 4.30 1.12
CA ASP B 29 -17.89 3.43 0.50
C ASP B 29 -16.65 4.26 0.10
N CYS B 30 -15.52 3.97 0.71
CA CYS B 30 -14.38 4.90 0.54
C CYS B 30 -13.35 4.32 -0.52
N ARG B 31 -13.78 3.36 -1.33
CA ARG B 31 -12.90 2.75 -2.28
C ARG B 31 -12.75 3.63 -3.48
N ASP B 32 -11.83 3.29 -4.36
CA ASP B 32 -11.62 4.05 -5.60
C ASP B 32 -11.75 3.23 -6.91
N SER B 33 -10.65 2.67 -7.41
CA SER B 33 -10.68 1.91 -8.65
C SER B 33 -11.12 0.49 -8.39
N ASP B 34 -11.13 0.05 -7.13
CA ASP B 34 -11.60 -1.33 -6.74
C ASP B 34 -13.02 -1.25 -6.21
N ARG B 35 -13.74 -0.11 -6.29
CA ARG B 35 -15.20 -0.05 -5.79
C ARG B 35 -16.14 -1.07 -6.48
N ASP B 36 -15.99 -1.32 -7.79
CA ASP B 36 -17.00 -2.12 -8.50
C ASP B 36 -16.81 -3.67 -8.30
N CYS B 37 -15.90 -4.12 -7.47
CA CYS B 37 -15.87 -5.52 -7.10
C CYS B 37 -17.23 -5.99 -6.49
N GLY B 38 -17.97 -5.10 -5.86
CA GLY B 38 -19.22 -5.44 -5.21
C GLY B 38 -19.48 -4.30 -4.20
N PHE B 39 -20.76 -4.01 -3.92
CA PHE B 39 -21.14 -2.93 -2.97
C PHE B 39 -22.46 -3.09 -2.29
N ILE B 40 -22.68 -2.23 -1.28
CA ILE B 40 -23.97 -2.17 -0.57
C ILE B 40 -24.87 -1.25 -1.33
N VAL B 41 -26.16 -1.67 -1.57
CA VAL B 41 -27.03 -0.71 -2.44
C VAL B 41 -27.18 0.60 -1.66
N ASN B 42 -27.21 1.67 -2.42
CA ASN B 42 -27.30 2.99 -1.82
C ASN B 42 -26.09 3.45 -0.94
N SER B 43 -24.96 2.71 -0.96
CA SER B 43 -23.73 3.26 -0.37
C SER B 43 -23.36 4.56 -1.13
N ILE B 44 -22.77 5.46 -0.42
CA ILE B 44 -22.34 6.76 -0.99
C ILE B 44 -20.82 6.73 -1.17
N ASN B 45 -20.35 7.07 -2.35
CA ASN B 45 -18.88 6.84 -2.56
C ASN B 45 -18.20 8.08 -2.24
N MET B 46 -17.18 7.96 -1.43
CA MET B 46 -16.38 9.12 -1.11
C MET B 46 -15.01 8.53 -1.17
N PRO B 47 -14.43 8.44 -2.38
CA PRO B 47 -13.10 7.82 -2.45
C PRO B 47 -12.06 8.63 -1.63
N THR B 48 -11.48 8.00 -0.64
CA THR B 48 -10.46 8.64 0.23
C THR B 48 -9.31 9.22 -0.56
N ILE B 49 -8.96 8.55 -1.67
CA ILE B 49 -7.73 8.96 -2.33
C ILE B 49 -7.92 10.33 -2.96
N SER B 50 -9.14 10.72 -3.28
CA SER B 50 -9.30 11.95 -4.00
C SER B 50 -10.37 12.97 -3.41
N CYS B 51 -11.12 12.63 -2.34
CA CYS B 51 -12.09 13.55 -1.77
C CYS B 51 -11.41 14.75 -1.11
N THR B 52 -12.00 15.94 -1.07
CA THR B 52 -11.27 17.08 -0.51
C THR B 52 -12.12 17.60 0.69
N GLU B 53 -11.64 18.58 1.44
CA GLU B 53 -12.26 18.97 2.65
C GLU B 53 -13.65 19.35 2.47
N GLU B 54 -13.95 20.17 1.46
CA GLU B 54 -15.27 20.64 1.31
C GLU B 54 -16.28 19.48 1.04
N MET B 55 -15.79 18.38 0.42
CA MET B 55 -16.72 17.31 0.09
C MET B 55 -17.20 16.64 1.41
N TYR B 56 -16.29 16.53 2.38
CA TYR B 56 -16.67 15.95 3.69
C TYR B 56 -17.59 16.88 4.45
N GLU B 57 -17.37 18.20 4.33
CA GLU B 57 -18.19 19.18 4.98
C GLU B 57 -19.56 19.13 4.44
N LYS B 58 -19.73 18.93 3.11
CA LYS B 58 -21.03 18.83 2.49
C LYS B 58 -21.71 17.56 2.85
N LEU B 59 -20.92 16.49 2.94
CA LEU B 59 -21.54 15.23 3.42
C LEU B 59 -22.06 15.35 4.85
N ALA B 60 -21.25 15.97 5.70
CA ALA B 60 -21.59 16.14 7.14
C ALA B 60 -22.93 16.91 7.31
N LYS B 61 -23.09 18.00 6.56
CA LYS B 61 -24.38 18.74 6.52
C LYS B 61 -25.48 17.95 5.90
N THR B 62 -25.27 17.29 4.74
CA THR B 62 -26.36 16.43 4.20
C THR B 62 -26.86 15.32 5.13
N LEU B 63 -25.95 14.55 5.71
CA LEU B 63 -26.39 13.40 6.54
C LEU B 63 -27.05 13.95 7.81
N PHE B 64 -26.53 15.06 8.32
CA PHE B 64 -27.19 15.75 9.44
C PHE B 64 -28.64 16.18 9.06
N GLU B 65 -28.81 16.89 7.96
CA GLU B 65 -30.15 17.21 7.49
C GLU B 65 -31.05 16.02 7.12
N GLU B 66 -30.44 14.89 6.82
CA GLU B 66 -31.26 13.76 6.52
C GLU B 66 -31.57 13.09 7.84
N LYS B 67 -31.04 13.58 8.99
CA LYS B 67 -31.36 12.97 10.24
C LYS B 67 -30.71 11.56 10.37
N LYS B 68 -29.51 11.37 9.77
CA LYS B 68 -28.79 10.14 9.99
C LYS B 68 -28.28 10.12 11.37
N GLU B 69 -28.29 8.92 11.97
CA GLU B 69 -27.69 8.70 13.28
C GLU B 69 -26.42 7.91 13.28
N LEU B 70 -26.18 7.11 12.26
CA LEU B 70 -24.94 6.29 12.13
C LEU B 70 -24.39 6.49 10.71
N ALA B 71 -23.05 6.62 10.57
CA ALA B 71 -22.44 6.71 9.21
C ALA B 71 -21.35 5.71 9.28
N VAL B 72 -21.51 4.70 8.44
CA VAL B 72 -20.64 3.54 8.56
C VAL B 72 -19.64 3.60 7.33
N PHE B 73 -18.36 3.78 7.58
CA PHE B 73 -17.38 3.92 6.54
C PHE B 73 -16.73 2.53 6.29
N HIS B 74 -16.61 2.07 5.01
CA HIS B 74 -15.86 0.86 4.78
C HIS B 74 -15.05 1.09 3.43
N CYS B 75 -14.03 0.27 3.22
CA CYS B 75 -13.31 0.24 1.90
C CYS B 75 -13.13 -1.25 1.66
N ALA B 76 -11.97 -1.67 1.22
CA ALA B 76 -11.85 -3.07 0.83
C ALA B 76 -11.54 -3.81 2.16
N GLN B 77 -10.52 -3.40 2.89
CA GLN B 77 -10.15 -4.08 4.12
C GLN B 77 -10.48 -3.30 5.42
N SER B 78 -10.86 -2.04 5.21
CA SER B 78 -11.05 -1.08 6.29
C SER B 78 -9.81 -0.87 7.16
N LEU B 79 -8.62 -0.85 6.56
CA LEU B 79 -7.39 -0.66 7.34
C LEU B 79 -6.79 0.70 7.05
N VAL B 80 -6.93 1.15 5.82
CA VAL B 80 -6.40 2.43 5.38
C VAL B 80 -7.51 3.43 4.96
N ARG B 81 -8.29 3.12 3.93
CA ARG B 81 -9.06 4.19 3.35
C ARG B 81 -10.33 4.52 4.14
N ALA B 82 -10.98 3.48 4.68
CA ALA B 82 -12.22 3.78 5.49
C ALA B 82 -11.87 4.55 6.77
N PRO B 83 -10.90 4.04 7.56
CA PRO B 83 -10.60 4.89 8.71
C PRO B 83 -10.03 6.24 8.36
N LYS B 84 -9.23 6.41 7.27
CA LYS B 84 -8.85 7.82 6.91
C LYS B 84 -10.11 8.67 6.61
N GLY B 85 -11.04 8.12 5.80
CA GLY B 85 -12.27 8.81 5.51
C GLY B 85 -13.06 9.20 6.75
N ALA B 86 -13.14 8.29 7.69
CA ALA B 86 -13.97 8.48 8.90
C ALA B 86 -13.24 9.51 9.69
N ASN B 87 -11.91 9.49 9.71
CA ASN B 87 -11.23 10.60 10.36
C ASN B 87 -11.53 11.99 9.72
N ARG B 88 -11.41 12.11 8.38
CA ARG B 88 -11.70 13.37 7.67
C ARG B 88 -13.17 13.78 7.95
N PHE B 89 -14.09 12.82 7.97
CA PHE B 89 -15.46 13.13 8.18
C PHE B 89 -15.72 13.65 9.62
N ALA B 90 -15.14 12.97 10.64
CA ALA B 90 -15.34 13.34 12.07
C ALA B 90 -14.78 14.79 12.20
N LEU B 91 -13.63 15.12 11.61
CA LEU B 91 -13.04 16.43 11.73
C LEU B 91 -13.83 17.50 10.95
N ALA B 92 -14.34 17.19 9.75
CA ALA B 92 -15.34 18.08 9.08
C ALA B 92 -16.55 18.34 10.01
N GLN B 93 -17.10 17.27 10.60
CA GLN B 93 -18.30 17.40 11.52
C GLN B 93 -17.99 18.31 12.72
N LYS B 94 -16.85 18.11 13.35
CA LYS B 94 -16.47 18.89 14.40
C LYS B 94 -16.28 20.33 13.99
N LYS B 95 -15.60 20.58 12.87
CA LYS B 95 -15.45 21.97 12.33
C LYS B 95 -16.82 22.67 12.22
N LEU B 96 -17.80 21.98 11.68
CA LEU B 96 -19.11 22.53 11.47
C LEU B 96 -20.00 22.57 12.74
N GLY B 97 -19.58 21.84 13.78
CA GLY B 97 -20.41 21.77 15.04
C GLY B 97 -21.51 20.70 15.01
N TYR B 98 -21.30 19.60 14.28
CA TYR B 98 -22.25 18.48 14.33
C TYR B 98 -21.70 17.32 15.10
N VAL B 99 -22.56 16.52 15.72
CA VAL B 99 -22.11 15.29 16.43
C VAL B 99 -22.99 14.19 15.89
N LEU B 100 -23.94 14.52 15.03
CA LEU B 100 -24.66 13.41 14.41
C LEU B 100 -24.61 13.49 12.89
N PRO B 101 -24.55 12.34 12.17
CA PRO B 101 -24.46 10.96 12.67
C PRO B 101 -23.14 10.69 13.38
N ALA B 102 -23.17 9.67 14.27
CA ALA B 102 -21.99 9.12 14.96
C ALA B 102 -21.27 8.28 13.83
N VAL B 103 -19.96 8.12 14.00
CA VAL B 103 -19.12 7.75 12.88
C VAL B 103 -18.61 6.31 13.22
N TYR B 104 -18.79 5.35 12.31
CA TYR B 104 -18.22 4.03 12.55
C TYR B 104 -17.35 3.61 11.38
N VAL B 105 -16.43 2.68 11.65
CA VAL B 105 -15.73 1.92 10.54
C VAL B 105 -16.20 0.43 10.49
N LEU B 106 -16.71 -0.05 9.33
CA LEU B 106 -17.01 -1.47 9.19
C LEU B 106 -15.75 -2.38 9.30
N ARG B 107 -15.61 -3.01 10.46
CA ARG B 107 -14.41 -3.92 10.67
C ARG B 107 -14.19 -4.90 9.52
N GLY B 108 -13.01 -4.88 8.90
CA GLY B 108 -12.72 -5.86 7.84
C GLY B 108 -13.19 -5.48 6.46
N GLY B 109 -14.06 -4.48 6.36
CA GLY B 109 -14.34 -3.86 5.10
C GLY B 109 -15.28 -4.71 4.28
N TRP B 110 -15.45 -4.35 3.02
CA TRP B 110 -16.31 -5.12 2.07
C TRP B 110 -15.81 -6.58 2.07
N GLU B 111 -14.46 -6.81 2.10
CA GLU B 111 -13.99 -8.22 1.97
C GLU B 111 -14.50 -9.03 3.12
N ALA B 112 -14.38 -8.59 4.41
CA ALA B 112 -14.95 -9.42 5.50
C ALA B 112 -16.45 -9.52 5.39
N PHE B 113 -17.08 -8.42 4.99
CA PHE B 113 -18.59 -8.39 4.88
C PHE B 113 -19.06 -9.49 3.84
N TYR B 114 -18.49 -9.47 2.65
CA TYR B 114 -18.87 -10.43 1.61
C TYR B 114 -18.43 -11.85 1.97
N HIS B 115 -17.28 -11.92 2.61
CA HIS B 115 -16.86 -13.29 3.04
C HIS B 115 -17.93 -13.94 3.98
N MET B 116 -18.34 -13.16 4.99
CA MET B 116 -19.35 -13.58 5.96
C MET B 116 -20.70 -13.80 5.39
N TYR B 117 -21.12 -12.96 4.44
CA TYR B 117 -22.54 -12.95 4.02
C TYR B 117 -22.84 -13.21 2.53
N GLY B 118 -21.80 -13.23 1.70
CA GLY B 118 -21.97 -13.40 0.27
C GLY B 118 -22.77 -14.63 -0.15
N ASP B 119 -22.61 -15.73 0.54
CA ASP B 119 -23.29 -16.95 0.16
C ASP B 119 -24.62 -17.22 0.93
N VAL B 120 -24.90 -16.48 2.02
CA VAL B 120 -26.22 -16.59 2.69
C VAL B 120 -27.14 -15.39 2.58
N ARG B 121 -26.62 -14.25 2.17
CA ARG B 121 -27.41 -13.04 2.10
C ARG B 121 -27.06 -12.33 0.83
N PRO B 122 -27.33 -12.98 -0.30
CA PRO B 122 -27.04 -12.32 -1.55
C PRO B 122 -27.91 -11.15 -1.88
N ASP B 123 -28.96 -10.87 -1.06
CA ASP B 123 -29.84 -9.74 -1.33
C ASP B 123 -29.11 -8.45 -0.96
N LEU B 124 -28.08 -8.57 -0.14
CA LEU B 124 -27.32 -7.42 0.35
C LEU B 124 -26.21 -6.97 -0.58
N MET B 125 -25.86 -7.79 -1.58
CA MET B 125 -24.59 -7.70 -2.39
C MET B 125 -24.98 -7.29 -3.79
N TYR B 126 -24.51 -6.14 -4.27
CA TYR B 126 -24.78 -5.62 -5.61
C TYR B 126 -23.51 -5.56 -6.49
N VAL B 127 -23.67 -5.69 -7.80
CA VAL B 127 -22.57 -5.74 -8.75
C VAL B 127 -23.07 -4.86 -9.82
N LYS B 128 -22.21 -4.51 -10.77
CA LYS B 128 -22.72 -3.87 -11.97
C LYS B 128 -22.40 -4.80 -13.07
N LEU B 129 -23.28 -4.88 -14.05
CA LEU B 129 -23.16 -5.94 -15.08
C LEU B 129 -23.71 -5.46 -16.39
N GLY B 130 -23.17 -5.91 -17.51
CA GLY B 130 -23.83 -5.62 -18.78
C GLY B 130 -23.23 -4.44 -19.58
N PRO B 131 -23.69 -4.26 -20.83
CA PRO B 131 -23.09 -3.20 -21.60
C PRO B 131 -23.34 -1.83 -20.96
N GLU B 132 -24.40 -1.68 -20.19
CA GLU B 132 -24.57 -0.41 -19.51
C GLU B 132 -24.10 -0.45 -18.05
N GLN B 133 -23.51 -1.59 -17.64
CA GLN B 133 -23.03 -1.73 -16.27
C GLN B 133 -24.19 -1.35 -15.31
N LYS B 134 -25.30 -2.08 -15.38
CA LYS B 134 -26.45 -1.76 -14.52
C LYS B 134 -26.29 -2.49 -13.16
N LEU B 135 -26.75 -1.86 -12.12
CA LEU B 135 -26.95 -2.38 -10.77
C LEU B 135 -27.89 -3.56 -10.71
N ILE B 136 -27.56 -4.54 -9.89
CA ILE B 136 -28.36 -5.73 -9.71
C ILE B 136 -27.75 -6.45 -8.49
N SER B 137 -28.61 -6.95 -7.61
CA SER B 137 -28.21 -7.68 -6.43
C SER B 137 -27.78 -9.11 -6.78
N GLU B 138 -26.97 -9.81 -5.96
CA GLU B 138 -26.58 -11.14 -6.30
C GLU B 138 -27.73 -12.13 -6.17
N GLU B 139 -28.72 -11.75 -5.36
CA GLU B 139 -29.94 -12.50 -5.20
C GLU B 139 -30.64 -12.54 -6.54
N ASP B 140 -30.83 -11.36 -7.17
CA ASP B 140 -31.49 -11.32 -8.48
C ASP B 140 -30.75 -12.19 -9.55
N LEU B 141 -29.39 -12.18 -9.51
CA LEU B 141 -28.54 -12.92 -10.45
C LEU B 141 -28.69 -14.41 -10.27
N ASN B 142 -28.65 -14.87 -9.04
CA ASN B 142 -28.90 -16.27 -8.72
C ASN B 142 -30.31 -16.71 -9.33
N SER B 143 -31.33 -15.91 -9.11
CA SER B 143 -32.68 -16.23 -9.61
C SER B 143 -32.65 -16.35 -11.09
N ALA B 144 -32.06 -15.34 -11.75
CA ALA B 144 -31.94 -15.37 -13.19
C ALA B 144 -31.23 -16.62 -13.68
N VAL B 145 -30.13 -17.01 -13.04
CA VAL B 145 -29.36 -18.20 -13.43
C VAL B 145 -30.17 -19.52 -13.26
N ASP B 146 -30.82 -19.68 -12.13
CA ASP B 146 -31.86 -20.71 -11.95
C ASP B 146 -32.92 -20.75 -13.07
N HIS B 147 -33.59 -19.64 -13.34
CA HIS B 147 -34.58 -19.59 -14.44
C HIS B 147 -34.06 -19.87 -15.87
N ASN C 3 -16.97 17.20 -8.95
CA ASN C 3 -17.40 16.40 -10.19
C ASN C 3 -16.60 16.46 -11.50
N TYR C 4 -16.31 15.49 -12.17
CA TYR C 4 -15.46 15.55 -13.32
C TYR C 4 -15.75 14.19 -13.90
N THR C 5 -15.38 14.01 -15.19
CA THR C 5 -15.38 12.69 -15.74
C THR C 5 -13.98 12.63 -16.37
N TYR C 6 -13.58 11.48 -16.90
CA TYR C 6 -12.21 11.18 -17.37
C TYR C 6 -12.14 11.36 -18.88
N ILE C 7 -11.04 11.88 -19.40
CA ILE C 7 -10.82 11.91 -20.80
C ILE C 7 -9.51 11.14 -21.01
N LYS C 8 -9.44 10.34 -22.06
CA LYS C 8 -8.19 9.62 -22.39
C LYS C 8 -7.12 10.49 -23.04
N PRO C 9 -5.87 10.03 -23.04
CA PRO C 9 -4.83 10.75 -23.78
C PRO C 9 -5.17 11.00 -25.26
N GLU C 10 -5.72 9.96 -26.00
CA GLU C 10 -6.04 10.19 -27.43
C GLU C 10 -7.10 11.28 -27.60
N GLU C 11 -8.12 11.35 -26.70
CA GLU C 11 -9.17 12.38 -26.87
C GLU C 11 -8.56 13.71 -26.58
N LEU C 12 -7.66 13.78 -25.61
CA LEU C 12 -7.02 15.05 -25.33
C LEU C 12 -6.20 15.48 -26.57
N VAL C 13 -5.48 14.55 -27.18
CA VAL C 13 -4.72 14.94 -28.43
C VAL C 13 -5.72 15.50 -29.53
N GLU C 14 -6.82 14.80 -29.74
CA GLU C 14 -7.84 15.30 -30.62
C GLU C 14 -8.24 16.75 -30.26
N LEU C 15 -8.46 17.12 -28.96
CA LEU C 15 -8.81 18.51 -28.69
C LEU C 15 -7.71 19.38 -29.04
N LEU C 16 -6.48 18.93 -28.79
CA LEU C 16 -5.41 19.90 -28.88
C LEU C 16 -5.08 20.14 -30.35
N ASP C 17 -5.49 19.22 -31.21
CA ASP C 17 -5.17 19.25 -32.64
C ASP C 17 -6.23 20.00 -33.41
N ASN C 18 -7.35 20.36 -32.78
CA ASN C 18 -8.45 21.03 -33.45
C ASN C 18 -8.31 22.51 -33.22
N PRO C 19 -8.40 23.33 -34.32
CA PRO C 19 -8.23 24.79 -34.25
C PRO C 19 -9.25 25.41 -33.29
N ASP C 20 -10.52 25.07 -33.43
CA ASP C 20 -11.57 25.65 -32.57
C ASP C 20 -11.50 25.12 -31.14
N SER C 21 -11.51 23.76 -31.05
CA SER C 21 -11.50 23.01 -29.75
C SER C 21 -10.41 23.52 -28.78
N LEU C 22 -9.20 23.69 -29.33
CA LEU C 22 -8.08 24.14 -28.57
C LEU C 22 -8.37 25.49 -27.95
N VAL C 23 -8.95 26.46 -28.66
CA VAL C 23 -9.31 27.80 -27.95
C VAL C 23 -10.43 27.63 -26.83
N LYS C 24 -11.24 26.57 -27.01
CA LYS C 24 -12.21 26.11 -26.07
C LYS C 24 -11.63 25.18 -24.89
N ALA C 25 -10.37 24.77 -24.97
CA ALA C 25 -9.79 23.92 -23.92
C ALA C 25 -8.80 24.65 -22.98
N ALA C 26 -8.80 24.24 -21.71
CA ALA C 26 -7.68 24.66 -20.81
C ALA C 26 -7.08 23.31 -20.21
N VAL C 27 -5.73 23.22 -20.14
CA VAL C 27 -5.05 22.03 -19.58
C VAL C 27 -4.53 22.55 -18.29
N ILE C 28 -5.01 21.94 -17.20
CA ILE C 28 -4.64 22.41 -15.81
C ILE C 28 -3.69 21.28 -15.27
N ASP C 29 -2.42 21.72 -15.09
CA ASP C 29 -1.35 20.87 -14.60
C ASP C 29 -1.31 20.98 -13.08
N CYS C 30 -1.66 19.92 -12.35
CA CYS C 30 -1.76 20.01 -10.88
C CYS C 30 -0.48 19.58 -10.13
N ARG C 31 0.57 19.37 -10.86
CA ARG C 31 1.81 18.84 -10.28
C ARG C 31 2.58 19.95 -9.61
N ASP C 32 3.55 19.62 -8.78
CA ASP C 32 4.28 20.63 -8.02
C ASP C 32 5.76 20.73 -8.38
N SER C 33 6.62 19.91 -7.79
CA SER C 33 8.03 19.96 -8.18
C SER C 33 8.24 19.08 -9.44
N ASP C 34 7.36 18.14 -9.66
CA ASP C 34 7.40 17.29 -10.84
C ASP C 34 6.83 17.86 -12.13
N ARG C 35 6.34 19.09 -12.12
CA ARG C 35 5.96 19.73 -13.35
C ARG C 35 7.15 19.78 -14.34
N ASP C 36 8.36 19.94 -13.82
CA ASP C 36 9.43 20.16 -14.81
C ASP C 36 9.92 18.86 -15.47
N CYS C 37 9.27 17.72 -15.20
CA CYS C 37 9.47 16.50 -15.94
C CYS C 37 9.07 16.70 -17.42
N GLY C 38 8.24 17.67 -17.72
CA GLY C 38 7.74 17.85 -19.06
C GLY C 38 6.26 18.24 -18.91
N PHE C 39 5.70 19.04 -19.80
CA PHE C 39 4.31 19.46 -19.68
C PHE C 39 3.69 19.74 -21.06
N ILE C 40 2.36 19.94 -21.14
CA ILE C 40 1.68 20.38 -22.38
C ILE C 40 1.82 21.87 -22.54
N VAL C 41 2.11 22.42 -23.76
CA VAL C 41 2.35 23.93 -23.82
C VAL C 41 1.05 24.70 -23.58
N ASN C 42 1.08 25.81 -22.90
CA ASN C 42 -0.23 26.45 -22.70
C ASN C 42 -0.93 25.87 -21.44
N SER C 43 -0.35 24.83 -20.85
CA SER C 43 -0.97 24.29 -19.67
C SER C 43 -0.83 25.35 -18.54
N ILE C 44 -1.82 25.40 -17.67
CA ILE C 44 -1.77 26.28 -16.55
C ILE C 44 -1.42 25.44 -15.27
N ASN C 45 -0.49 25.92 -14.49
CA ASN C 45 -0.05 25.20 -13.32
C ASN C 45 -0.92 25.59 -12.14
N MET C 46 -1.68 24.63 -11.60
CA MET C 46 -2.35 24.85 -10.34
C MET C 46 -1.87 23.73 -9.38
N PRO C 47 -0.74 23.94 -8.70
CA PRO C 47 -0.22 22.80 -7.80
C PRO C 47 -1.22 22.44 -6.82
N THR C 48 -1.77 21.23 -6.86
CA THR C 48 -2.69 20.82 -5.79
C THR C 48 -2.13 20.99 -4.34
N ILE C 49 -0.81 20.83 -4.16
CA ILE C 49 -0.33 20.84 -2.79
C ILE C 49 -0.30 22.29 -2.24
N SER C 50 -0.39 23.29 -3.09
CA SER C 50 -0.33 24.67 -2.56
C SER C 50 -1.50 25.59 -2.99
N CYS C 51 -2.37 25.25 -3.94
CA CYS C 51 -3.43 26.20 -4.37
C CYS C 51 -4.45 26.35 -3.29
N THR C 52 -4.93 27.56 -3.12
CA THR C 52 -5.88 27.84 -2.05
C THR C 52 -7.25 28.03 -2.70
N GLU C 53 -8.27 28.08 -1.92
CA GLU C 53 -9.62 28.23 -2.35
C GLU C 53 -9.89 29.38 -3.35
N GLU C 54 -9.33 30.49 -3.03
CA GLU C 54 -9.50 31.67 -3.81
C GLU C 54 -8.75 31.58 -5.11
N MET C 55 -7.64 30.87 -5.16
CA MET C 55 -7.04 30.66 -6.47
C MET C 55 -8.01 29.84 -7.41
N TYR C 56 -8.73 28.87 -6.87
CA TYR C 56 -9.61 28.08 -7.77
C TYR C 56 -10.78 28.90 -8.27
N GLU C 57 -11.32 29.73 -7.38
CA GLU C 57 -12.37 30.71 -7.69
C GLU C 57 -11.98 31.66 -8.75
N LYS C 58 -10.75 32.14 -8.69
CA LYS C 58 -10.28 33.13 -9.63
C LYS C 58 -10.15 32.45 -11.00
N LEU C 59 -9.66 31.20 -11.00
CA LEU C 59 -9.50 30.49 -12.26
C LEU C 59 -10.88 30.16 -12.82
N ALA C 60 -11.82 29.79 -11.98
CA ALA C 60 -13.20 29.49 -12.48
C ALA C 60 -13.79 30.67 -13.24
N LYS C 61 -13.63 31.83 -12.70
CA LYS C 61 -14.17 33.02 -13.30
C LYS C 61 -13.39 33.35 -14.61
N THR C 62 -12.04 33.33 -14.52
CA THR C 62 -11.18 33.50 -15.74
C THR C 62 -11.45 32.49 -16.82
N LEU C 63 -11.60 31.23 -16.47
CA LEU C 63 -11.94 30.29 -17.59
C LEU C 63 -13.36 30.50 -18.13
N PHE C 64 -14.29 30.88 -17.23
CA PHE C 64 -15.63 31.24 -17.69
C PHE C 64 -15.58 32.44 -18.69
N GLU C 65 -14.93 33.52 -18.27
CA GLU C 65 -14.77 34.69 -19.12
C GLU C 65 -14.06 34.51 -20.41
N GLU C 66 -13.18 33.51 -20.49
CA GLU C 66 -12.46 33.15 -21.78
C GLU C 66 -13.22 32.22 -22.59
N LYS C 67 -14.46 31.97 -22.18
CA LYS C 67 -15.33 31.03 -22.82
C LYS C 67 -14.76 29.66 -23.06
N LYS C 68 -13.99 29.14 -22.08
CA LYS C 68 -13.59 27.72 -22.15
C LYS C 68 -14.76 26.78 -22.04
N GLU C 69 -14.77 25.68 -22.74
CA GLU C 69 -15.80 24.66 -22.54
C GLU C 69 -15.29 23.33 -21.93
N LEU C 70 -14.00 23.10 -21.94
CA LEU C 70 -13.44 21.95 -21.23
C LEU C 70 -12.22 22.42 -20.43
N ALA C 71 -12.12 21.90 -19.18
CA ALA C 71 -10.97 22.08 -18.37
C ALA C 71 -10.50 20.69 -18.00
N VAL C 72 -9.30 20.34 -18.47
CA VAL C 72 -8.68 19.00 -18.35
C VAL C 72 -7.58 19.05 -17.30
N PHE C 73 -7.86 18.44 -16.14
CA PHE C 73 -6.91 18.40 -15.06
C PHE C 73 -6.01 17.17 -15.20
N HIS C 74 -4.67 17.31 -14.98
CA HIS C 74 -3.83 16.12 -14.85
C HIS C 74 -2.74 16.33 -13.85
N CYS C 75 -2.13 15.25 -13.40
CA CYS C 75 -0.92 15.42 -12.57
C CYS C 75 0.06 14.39 -13.08
N ALA C 76 0.76 13.70 -12.17
CA ALA C 76 1.73 12.67 -12.73
C ALA C 76 0.95 11.40 -13.14
N GLN C 77 0.11 10.88 -12.22
CA GLN C 77 -0.69 9.68 -12.46
C GLN C 77 -2.22 9.95 -12.54
N SER C 78 -2.59 11.16 -12.25
CA SER C 78 -3.97 11.53 -12.13
C SER C 78 -4.76 10.60 -11.20
N LEU C 79 -4.14 10.18 -10.07
CA LEU C 79 -4.77 9.34 -9.06
C LEU C 79 -5.15 10.18 -7.85
N VAL C 80 -4.32 11.15 -7.49
CA VAL C 80 -4.51 11.91 -6.26
C VAL C 80 -4.58 13.41 -6.61
N ARG C 81 -3.50 14.01 -7.14
CA ARG C 81 -3.45 15.49 -7.25
C ARG C 81 -4.44 16.08 -8.24
N ALA C 82 -4.57 15.43 -9.43
CA ALA C 82 -5.47 16.02 -10.50
C ALA C 82 -6.97 15.92 -10.04
N PRO C 83 -7.41 14.72 -9.60
CA PRO C 83 -8.82 14.59 -9.12
C PRO C 83 -9.12 15.47 -7.93
N LYS C 84 -8.20 15.62 -7.01
CA LYS C 84 -8.43 16.62 -5.99
C LYS C 84 -8.47 18.03 -6.59
N GLY C 85 -7.56 18.39 -7.50
CA GLY C 85 -7.71 19.75 -7.98
C GLY C 85 -8.98 19.90 -8.79
N ALA C 86 -9.45 18.83 -9.48
CA ALA C 86 -10.68 18.86 -10.27
C ALA C 86 -11.90 18.97 -9.32
N ASN C 87 -11.88 18.27 -8.19
CA ASN C 87 -13.01 18.51 -7.19
C ASN C 87 -13.05 19.97 -6.64
N ARG C 88 -11.90 20.50 -6.22
CA ARG C 88 -11.88 21.86 -5.66
C ARG C 88 -12.38 22.82 -6.79
N PHE C 89 -11.94 22.63 -8.02
CA PHE C 89 -12.25 23.54 -9.06
C PHE C 89 -13.73 23.45 -9.29
N ALA C 90 -14.32 22.26 -9.34
CA ALA C 90 -15.79 22.12 -9.63
C ALA C 90 -16.68 22.77 -8.53
N LEU C 91 -16.23 22.58 -7.31
CA LEU C 91 -16.85 23.13 -6.14
C LEU C 91 -16.70 24.68 -6.19
N ALA C 92 -15.54 25.20 -6.61
CA ALA C 92 -15.44 26.64 -6.71
C ALA C 92 -16.51 27.14 -7.77
N GLN C 93 -16.62 26.42 -8.89
CA GLN C 93 -17.52 26.79 -9.96
C GLN C 93 -18.98 26.81 -9.39
N LYS C 94 -19.30 25.81 -8.58
CA LYS C 94 -20.66 25.64 -8.14
C LYS C 94 -20.92 26.75 -7.15
N LYS C 95 -19.97 27.12 -6.28
CA LYS C 95 -20.24 28.20 -5.35
C LYS C 95 -20.54 29.51 -6.19
N LEU C 96 -19.89 29.73 -7.35
CA LEU C 96 -19.94 31.02 -8.06
C LEU C 96 -21.08 30.99 -9.02
N GLY C 97 -21.63 29.80 -9.26
CA GLY C 97 -22.77 29.67 -10.15
C GLY C 97 -22.42 29.34 -11.59
N TYR C 98 -21.19 28.85 -11.86
CA TYR C 98 -20.87 28.33 -13.19
C TYR C 98 -20.88 26.82 -13.35
N VAL C 99 -21.07 26.40 -14.59
CA VAL C 99 -20.99 25.01 -14.99
C VAL C 99 -20.11 24.86 -16.25
N LEU C 100 -19.66 25.95 -16.84
CA LEU C 100 -18.67 25.85 -17.88
C LEU C 100 -17.37 26.60 -17.46
N PRO C 101 -16.18 26.06 -17.85
CA PRO C 101 -15.91 24.83 -18.58
C PRO C 101 -16.38 23.58 -17.80
N ALA C 102 -16.75 22.54 -18.53
CA ALA C 102 -16.94 21.27 -17.93
C ALA C 102 -15.54 20.73 -17.51
N VAL C 103 -15.54 19.82 -16.56
CA VAL C 103 -14.30 19.49 -15.84
C VAL C 103 -13.93 18.03 -16.13
N TYR C 104 -12.69 17.79 -16.55
CA TYR C 104 -12.27 16.43 -16.85
C TYR C 104 -10.98 16.13 -16.13
N VAL C 105 -10.71 14.83 -15.91
CA VAL C 105 -9.42 14.37 -15.37
C VAL C 105 -8.79 13.56 -16.46
N LEU C 106 -7.58 13.91 -16.85
CA LEU C 106 -6.84 13.10 -17.85
C LEU C 106 -6.46 11.77 -17.27
N ARG C 107 -7.11 10.70 -17.77
CA ARG C 107 -6.77 9.36 -17.30
C ARG C 107 -5.29 9.01 -17.41
N GLY C 108 -4.66 8.71 -16.23
CA GLY C 108 -3.33 8.17 -16.16
C GLY C 108 -2.36 9.33 -16.20
N GLY C 109 -2.87 10.55 -16.39
CA GLY C 109 -2.03 11.76 -16.22
C GLY C 109 -0.85 11.90 -17.17
N TRP C 110 0.11 12.79 -16.84
CA TRP C 110 1.25 13.04 -17.73
C TRP C 110 2.05 11.71 -18.06
N GLU C 111 2.23 10.87 -17.03
CA GLU C 111 2.95 9.65 -17.27
C GLU C 111 2.32 8.83 -18.39
N ALA C 112 0.99 8.62 -18.36
CA ALA C 112 0.36 7.82 -19.44
C ALA C 112 0.41 8.58 -20.77
N PHE C 113 0.29 9.91 -20.66
CA PHE C 113 0.14 10.79 -21.88
C PHE C 113 1.48 10.72 -22.63
N TYR C 114 2.58 10.89 -21.87
CA TYR C 114 3.93 10.84 -22.37
C TYR C 114 4.28 9.44 -22.82
N HIS C 115 3.86 8.43 -22.07
CA HIS C 115 4.11 7.06 -22.53
C HIS C 115 3.51 6.82 -23.92
N MET C 116 2.29 7.30 -24.15
CA MET C 116 1.63 7.07 -25.42
C MET C 116 2.12 7.96 -26.57
N TYR C 117 2.40 9.19 -26.29
CA TYR C 117 2.70 10.12 -27.36
C TYR C 117 4.12 10.66 -27.37
N GLY C 118 4.92 10.43 -26.36
CA GLY C 118 6.21 11.07 -26.32
C GLY C 118 7.10 10.72 -27.51
N ASP C 119 6.95 9.55 -28.06
CA ASP C 119 7.89 9.21 -29.10
C ASP C 119 7.34 9.50 -30.48
N VAL C 120 6.06 9.90 -30.57
CA VAL C 120 5.36 10.06 -31.83
C VAL C 120 4.82 11.48 -31.98
N ARG C 121 4.62 12.23 -30.89
CA ARG C 121 4.02 13.60 -31.00
C ARG C 121 4.82 14.56 -30.18
N PRO C 122 6.15 14.64 -30.49
CA PRO C 122 7.05 15.58 -29.76
C PRO C 122 6.70 17.03 -29.89
N ASP C 123 5.78 17.41 -30.78
CA ASP C 123 5.28 18.83 -30.86
C ASP C 123 4.42 19.17 -29.69
N LEU C 124 3.89 18.14 -28.99
CA LEU C 124 2.95 18.32 -27.82
C LEU C 124 3.70 18.43 -26.53
N MET C 125 4.97 18.08 -26.54
CA MET C 125 5.64 17.97 -25.27
C MET C 125 6.67 19.09 -25.07
N TYR C 126 6.63 19.83 -23.95
CA TYR C 126 7.53 20.94 -23.65
C TYR C 126 8.34 20.72 -22.44
N VAL C 127 9.50 21.37 -22.38
CA VAL C 127 10.39 21.35 -21.21
C VAL C 127 10.96 22.79 -21.05
N LYS C 128 11.52 23.10 -19.93
CA LYS C 128 12.15 24.35 -19.70
C LYS C 128 13.60 23.99 -19.81
N LEU C 129 14.34 24.78 -20.57
CA LEU C 129 15.74 24.41 -20.80
C LEU C 129 16.63 25.59 -20.45
N GLY C 130 17.66 25.32 -19.66
CA GLY C 130 18.69 26.32 -19.42
C GLY C 130 18.47 27.38 -18.35
N PRO C 131 19.55 28.17 -18.07
CA PRO C 131 19.72 29.36 -17.25
C PRO C 131 18.38 30.07 -17.07
N GLU C 132 17.80 30.53 -18.18
CA GLU C 132 16.63 31.37 -18.09
C GLU C 132 15.30 30.59 -18.10
N GLN C 133 15.38 29.25 -18.10
CA GLN C 133 14.23 28.34 -18.06
C GLN C 133 13.27 28.64 -19.24
N LYS C 134 13.84 28.61 -20.43
CA LYS C 134 13.09 28.99 -21.64
C LYS C 134 12.31 27.76 -22.15
N LEU C 135 11.09 27.99 -22.62
CA LEU C 135 10.26 26.90 -23.11
C LEU C 135 10.73 26.41 -24.44
N ILE C 136 10.64 25.10 -24.69
CA ILE C 136 10.93 24.57 -25.98
C ILE C 136 10.27 23.20 -26.10
N SER C 137 9.68 22.92 -27.26
CA SER C 137 9.13 21.61 -27.62
C SER C 137 10.18 20.56 -27.75
N GLU C 138 9.77 19.31 -27.52
CA GLU C 138 10.73 18.25 -27.75
C GLU C 138 11.03 18.07 -29.26
N GLU C 139 10.09 18.44 -30.14
CA GLU C 139 10.28 18.47 -31.60
C GLU C 139 11.47 19.40 -31.89
N ASP C 140 11.37 20.67 -31.47
CA ASP C 140 12.46 21.63 -31.68
C ASP C 140 13.73 21.23 -31.01
N LEU C 141 13.65 20.65 -29.82
CA LEU C 141 14.83 20.08 -29.13
C LEU C 141 15.42 18.96 -29.97
N ASN C 142 14.56 18.13 -30.55
CA ASN C 142 15.02 16.98 -31.40
C ASN C 142 15.72 17.54 -32.67
N SER C 143 15.12 18.55 -33.30
CA SER C 143 15.68 19.19 -34.49
C SER C 143 17.07 19.68 -34.11
N ALA C 144 17.12 20.38 -32.96
CA ALA C 144 18.37 21.00 -32.53
C ALA C 144 19.42 19.96 -32.24
N VAL C 145 19.11 18.84 -31.63
CA VAL C 145 20.10 17.79 -31.47
C VAL C 145 20.56 17.16 -32.79
N ASP C 146 19.64 16.97 -33.74
CA ASP C 146 19.98 16.30 -35.00
C ASP C 146 20.93 17.27 -35.71
N HIS C 147 22.19 16.85 -35.84
CA HIS C 147 23.41 17.76 -35.97
C HIS C 147 23.18 19.26 -36.39
N ASN D 3 -0.28 -26.02 0.27
CA ASN D 3 -1.73 -26.13 0.51
C ASN D 3 -2.16 -26.19 1.88
N TYR D 4 -3.14 -25.34 2.14
CA TYR D 4 -3.73 -25.23 3.44
C TYR D 4 -5.13 -24.72 3.15
N THR D 5 -5.96 -24.79 4.18
CA THR D 5 -7.22 -24.07 4.18
C THR D 5 -7.27 -23.30 5.51
N TYR D 6 -8.30 -22.52 5.70
CA TYR D 6 -8.36 -21.61 6.82
C TYR D 6 -9.21 -22.23 7.90
N ILE D 7 -8.89 -21.85 9.15
CA ILE D 7 -9.65 -22.21 10.35
C ILE D 7 -9.94 -20.91 11.10
N LYS D 8 -11.17 -20.69 11.55
CA LYS D 8 -11.47 -19.44 12.28
C LYS D 8 -11.03 -19.66 13.73
N PRO D 9 -10.93 -18.59 14.47
CA PRO D 9 -10.60 -18.55 15.86
C PRO D 9 -11.59 -19.39 16.69
N GLU D 10 -12.88 -19.24 16.45
CA GLU D 10 -13.90 -20.08 17.12
C GLU D 10 -13.62 -21.57 16.93
N GLU D 11 -13.20 -21.94 15.73
CA GLU D 11 -12.87 -23.36 15.47
C GLU D 11 -11.62 -23.78 16.16
N LEU D 12 -10.61 -22.96 16.21
CA LEU D 12 -9.42 -23.32 16.95
C LEU D 12 -9.69 -23.52 18.50
N VAL D 13 -10.48 -22.65 19.12
CA VAL D 13 -10.77 -22.81 20.56
C VAL D 13 -11.52 -24.15 20.82
N GLU D 14 -12.41 -24.53 19.91
CA GLU D 14 -13.12 -25.78 19.93
C GLU D 14 -12.17 -26.98 19.98
N LEU D 15 -11.15 -26.97 19.08
CA LEU D 15 -10.04 -27.90 19.11
C LEU D 15 -9.24 -27.83 20.39
N LEU D 16 -8.84 -26.65 20.81
CA LEU D 16 -8.01 -26.59 21.97
C LEU D 16 -8.74 -27.02 23.30
N ASP D 17 -10.07 -27.13 23.26
CA ASP D 17 -10.90 -27.43 24.45
C ASP D 17 -11.25 -28.94 24.53
N ASN D 18 -11.17 -29.62 23.39
CA ASN D 18 -11.49 -31.03 23.35
C ASN D 18 -10.17 -31.78 23.57
N PRO D 19 -10.05 -32.51 24.69
CA PRO D 19 -8.67 -32.83 24.97
C PRO D 19 -8.20 -33.97 24.09
N ASP D 20 -9.13 -34.66 23.43
CA ASP D 20 -8.72 -35.63 22.39
C ASP D 20 -8.36 -35.00 21.02
N SER D 21 -9.17 -34.01 20.57
CA SER D 21 -8.75 -33.06 19.54
C SER D 21 -7.31 -32.59 19.71
N LEU D 22 -7.11 -31.97 20.89
CA LEU D 22 -5.92 -31.28 21.25
C LEU D 22 -4.66 -32.14 21.03
N VAL D 23 -4.68 -33.44 21.35
CA VAL D 23 -3.41 -34.29 21.12
C VAL D 23 -3.24 -34.66 19.62
N LYS D 24 -4.27 -34.48 18.83
CA LYS D 24 -4.14 -34.67 17.39
C LYS D 24 -3.74 -33.34 16.65
N ALA D 25 -3.44 -32.28 17.40
CA ALA D 25 -3.34 -30.92 16.86
C ALA D 25 -2.01 -30.29 17.26
N ALA D 26 -1.41 -29.52 16.34
CA ALA D 26 -0.21 -28.79 16.70
C ALA D 26 -0.55 -27.36 16.36
N VAL D 27 -0.02 -26.38 17.10
CA VAL D 27 -0.19 -25.00 16.76
C VAL D 27 1.21 -24.46 16.40
N ILE D 28 1.35 -23.99 15.15
CA ILE D 28 2.65 -23.47 14.67
C ILE D 28 2.62 -21.91 14.56
N ASP D 29 3.43 -21.31 15.38
CA ASP D 29 3.51 -19.87 15.55
C ASP D 29 4.62 -19.41 14.62
N CYS D 30 4.30 -18.66 13.56
CA CYS D 30 5.33 -18.27 12.62
C CYS D 30 5.90 -16.87 12.83
N ARG D 31 5.54 -16.20 13.95
CA ARG D 31 6.01 -14.85 14.28
C ARG D 31 7.49 -14.88 14.66
N ASP D 32 8.18 -13.75 14.62
CA ASP D 32 9.60 -13.69 14.92
C ASP D 32 9.86 -12.98 16.27
N SER D 33 10.07 -11.67 16.30
CA SER D 33 10.29 -10.92 17.57
C SER D 33 8.95 -10.57 18.27
N ASP D 34 7.89 -10.59 17.49
CA ASP D 34 6.53 -10.31 17.97
C ASP D 34 5.82 -11.51 18.55
N ARG D 35 6.49 -12.68 18.59
CA ARG D 35 5.92 -13.79 19.26
C ARG D 35 5.59 -13.49 20.72
N ASP D 36 6.39 -12.63 21.35
CA ASP D 36 6.13 -12.35 22.78
C ASP D 36 4.92 -11.45 23.11
N CYS D 37 4.31 -10.88 22.09
CA CYS D 37 3.00 -10.25 22.29
C CYS D 37 2.06 -11.16 23.10
N GLY D 38 2.16 -12.48 22.95
CA GLY D 38 1.25 -13.40 23.55
C GLY D 38 1.11 -14.54 22.56
N PHE D 39 0.74 -15.72 23.03
CA PHE D 39 0.85 -16.95 22.22
C PHE D 39 0.04 -18.02 22.91
N ILE D 40 -0.19 -19.13 22.21
CA ILE D 40 -0.98 -20.29 22.69
C ILE D 40 -0.06 -21.29 23.39
N VAL D 41 -0.44 -21.84 24.54
CA VAL D 41 0.54 -22.74 25.21
C VAL D 41 0.88 -23.95 24.37
N ASN D 42 2.14 -24.34 24.39
CA ASN D 42 2.68 -25.48 23.62
C ASN D 42 2.60 -25.27 22.09
N SER D 43 2.29 -24.07 21.62
CA SER D 43 2.50 -23.76 20.22
C SER D 43 4.02 -23.93 19.94
N ILE D 44 4.37 -24.19 18.69
CA ILE D 44 5.71 -24.44 18.31
C ILE D 44 6.12 -23.26 17.45
N ASN D 45 7.26 -22.68 17.73
CA ASN D 45 7.64 -21.50 17.02
C ASN D 45 8.44 -21.94 15.87
N MET D 46 7.96 -21.62 14.67
CA MET D 46 8.73 -21.81 13.44
C MET D 46 8.79 -20.43 12.82
N PRO D 47 9.76 -19.58 13.23
CA PRO D 47 9.70 -18.20 12.54
C PRO D 47 9.90 -18.21 11.04
N THR D 48 8.92 -17.67 10.34
CA THR D 48 9.02 -17.65 8.83
C THR D 48 10.29 -16.93 8.31
N ILE D 49 10.62 -15.82 9.00
CA ILE D 49 11.77 -15.01 8.66
C ILE D 49 13.12 -15.84 8.71
N SER D 50 13.24 -16.84 9.58
CA SER D 50 14.52 -17.53 9.63
C SER D 50 14.40 -19.09 9.46
N CYS D 51 13.19 -19.73 9.55
CA CYS D 51 13.19 -21.18 9.33
C CYS D 51 13.77 -21.62 7.98
N THR D 52 14.55 -22.68 8.05
CA THR D 52 15.18 -23.22 6.85
C THR D 52 14.36 -24.45 6.34
N GLU D 53 14.60 -24.83 5.08
CA GLU D 53 13.97 -25.99 4.52
C GLU D 53 14.15 -27.27 5.36
N GLU D 54 15.34 -27.50 5.90
CA GLU D 54 15.57 -28.67 6.72
C GLU D 54 14.70 -28.62 7.98
N MET D 55 14.46 -27.43 8.48
CA MET D 55 13.61 -27.30 9.67
C MET D 55 12.19 -27.63 9.42
N TYR D 56 11.66 -27.22 8.25
CA TYR D 56 10.26 -27.69 7.94
C TYR D 56 10.17 -29.19 7.73
N GLU D 57 11.19 -29.76 7.09
CA GLU D 57 11.28 -31.26 6.92
C GLU D 57 11.33 -32.06 8.19
N LYS D 58 12.14 -31.57 9.10
CA LYS D 58 12.21 -32.18 10.40
C LYS D 58 10.87 -32.08 11.13
N LEU D 59 10.20 -30.91 11.06
CA LEU D 59 8.91 -30.82 11.78
C LEU D 59 7.83 -31.77 11.10
N ALA D 60 7.82 -31.79 9.78
CA ALA D 60 6.97 -32.75 9.03
C ALA D 60 7.14 -34.16 9.54
N LYS D 61 8.36 -34.65 9.60
CA LYS D 61 8.61 -36.04 10.18
C LYS D 61 8.13 -36.10 11.65
N THR D 62 8.54 -35.13 12.50
CA THR D 62 8.06 -35.20 13.91
C THR D 62 6.53 -35.15 14.13
N LEU D 63 5.82 -34.31 13.38
CA LEU D 63 4.42 -34.26 13.64
C LEU D 63 3.79 -35.50 13.07
N PHE D 64 4.37 -35.99 11.97
CA PHE D 64 3.82 -37.22 11.42
C PHE D 64 3.90 -38.39 12.51
N GLU D 65 5.13 -38.57 13.01
CA GLU D 65 5.46 -39.60 14.02
C GLU D 65 4.75 -39.43 15.34
N GLU D 66 4.45 -38.17 15.73
CA GLU D 66 3.52 -37.97 16.86
C GLU D 66 2.06 -38.21 16.52
N LYS D 67 1.78 -38.63 15.28
CA LYS D 67 0.41 -38.81 14.78
C LYS D 67 -0.44 -37.57 14.95
N LYS D 68 0.12 -36.37 14.74
CA LYS D 68 -0.78 -35.18 14.56
C LYS D 68 -1.71 -35.29 13.36
N GLU D 69 -2.91 -34.84 13.50
CA GLU D 69 -3.79 -34.82 12.40
C GLU D 69 -4.05 -33.46 11.85
N LEU D 70 -3.75 -32.42 12.65
CA LEU D 70 -3.94 -30.97 12.23
C LEU D 70 -2.82 -30.16 12.61
N ALA D 71 -2.37 -29.30 11.71
CA ALA D 71 -1.27 -28.37 12.10
C ALA D 71 -1.85 -27.00 11.71
N VAL D 72 -2.02 -26.09 12.70
CA VAL D 72 -2.64 -24.79 12.50
C VAL D 72 -1.55 -23.77 12.56
N PHE D 73 -1.33 -23.08 11.44
CA PHE D 73 -0.30 -22.04 11.36
C PHE D 73 -0.96 -20.62 11.65
N HIS D 74 -0.25 -19.81 12.44
CA HIS D 74 -0.66 -18.43 12.58
C HIS D 74 0.50 -17.46 12.66
N CYS D 75 0.24 -16.17 12.37
CA CYS D 75 1.34 -15.27 12.70
C CYS D 75 0.66 -14.05 13.44
N ALA D 76 0.97 -12.80 13.13
CA ALA D 76 0.23 -11.70 13.79
C ALA D 76 -1.09 -11.52 13.09
N GLN D 77 -1.12 -11.42 11.75
CA GLN D 77 -2.39 -11.19 11.02
C GLN D 77 -2.73 -12.39 10.09
N SER D 78 -1.82 -13.33 10.01
CA SER D 78 -2.01 -14.45 9.09
C SER D 78 -2.20 -14.09 7.61
N LEU D 79 -1.52 -13.04 7.16
CA LEU D 79 -1.55 -12.52 5.78
C LEU D 79 -0.27 -12.93 5.01
N VAL D 80 0.89 -12.97 5.65
CA VAL D 80 2.17 -13.10 4.96
C VAL D 80 2.89 -14.27 5.69
N ARG D 81 3.19 -14.17 6.98
CA ARG D 81 4.17 -15.09 7.55
C ARG D 81 3.59 -16.54 7.78
N ALA D 82 2.36 -16.62 8.24
CA ALA D 82 1.74 -17.91 8.49
C ALA D 82 1.46 -18.62 7.11
N PRO D 83 0.77 -17.97 6.16
CA PRO D 83 0.58 -18.78 4.94
C PRO D 83 1.88 -19.13 4.24
N LYS D 84 2.92 -18.26 4.31
CA LYS D 84 4.22 -18.70 3.83
C LYS D 84 4.73 -19.87 4.57
N GLY D 85 4.60 -19.86 5.92
CA GLY D 85 5.06 -21.03 6.70
C GLY D 85 4.24 -22.28 6.29
N ALA D 86 2.93 -22.11 6.09
CA ALA D 86 2.04 -23.27 5.84
C ALA D 86 2.41 -23.81 4.38
N ASN D 87 2.70 -22.90 3.42
CA ASN D 87 3.14 -23.35 2.08
C ASN D 87 4.48 -24.14 2.20
N ARG D 88 5.43 -23.59 2.93
CA ARG D 88 6.72 -24.25 3.07
C ARG D 88 6.52 -25.67 3.75
N PHE D 89 5.61 -25.72 4.69
CA PHE D 89 5.44 -26.96 5.43
C PHE D 89 4.78 -27.99 4.52
N ALA D 90 3.76 -27.56 3.77
CA ALA D 90 3.00 -28.50 2.98
C ALA D 90 3.99 -29.10 1.93
N LEU D 91 4.86 -28.25 1.44
CA LEU D 91 5.83 -28.59 0.40
C LEU D 91 6.88 -29.53 0.96
N ALA D 92 7.33 -29.29 2.16
CA ALA D 92 8.24 -30.25 2.85
C ALA D 92 7.53 -31.65 3.01
N GLN D 93 6.30 -31.65 3.48
CA GLN D 93 5.54 -32.88 3.69
C GLN D 93 5.41 -33.66 2.34
N LYS D 94 5.09 -32.92 1.27
CA LYS D 94 4.90 -33.53 -0.05
C LYS D 94 6.27 -34.11 -0.49
N LYS D 95 7.36 -33.36 -0.33
CA LYS D 95 8.62 -33.89 -0.71
C LYS D 95 8.98 -35.19 0.08
N LEU D 96 8.61 -35.29 1.36
CA LEU D 96 9.01 -36.38 2.18
C LEU D 96 7.98 -37.55 2.00
N GLY D 97 6.79 -37.27 1.43
CA GLY D 97 5.74 -38.25 1.15
C GLY D 97 4.65 -38.39 2.21
N TYR D 98 4.38 -37.31 2.97
CA TYR D 98 3.38 -37.24 4.02
C TYR D 98 2.27 -36.37 3.55
N VAL D 99 1.10 -36.63 4.11
CA VAL D 99 -0.08 -35.81 3.90
C VAL D 99 -0.77 -35.62 5.21
N LEU D 100 -0.22 -36.20 6.29
CA LEU D 100 -0.78 -35.85 7.61
C LEU D 100 0.41 -35.29 8.42
N PRO D 101 0.16 -34.33 9.27
CA PRO D 101 -1.06 -33.67 9.51
C PRO D 101 -1.61 -32.74 8.32
N ALA D 102 -2.96 -32.57 8.25
CA ALA D 102 -3.51 -31.63 7.35
C ALA D 102 -3.13 -30.20 7.87
N VAL D 103 -3.10 -29.20 6.95
CA VAL D 103 -2.48 -27.91 7.22
C VAL D 103 -3.54 -26.85 7.15
N TYR D 104 -3.58 -25.98 8.17
CA TYR D 104 -4.58 -24.93 8.27
C TYR D 104 -3.87 -23.62 8.60
N VAL D 105 -4.46 -22.49 8.15
CA VAL D 105 -3.98 -21.18 8.55
C VAL D 105 -5.09 -20.59 9.44
N LEU D 106 -4.73 -20.10 10.64
CA LEU D 106 -5.74 -19.38 11.55
C LEU D 106 -6.07 -18.01 10.96
N ARG D 107 -7.24 -17.91 10.47
CA ARG D 107 -7.68 -16.71 9.83
C ARG D 107 -7.48 -15.52 10.77
N GLY D 108 -6.78 -14.46 10.33
CA GLY D 108 -6.75 -13.16 11.09
C GLY D 108 -5.68 -13.27 12.11
N GLY D 109 -5.09 -14.47 12.26
CA GLY D 109 -3.85 -14.66 13.03
C GLY D 109 -4.02 -14.39 14.54
N TRP D 110 -2.90 -14.25 15.26
CA TRP D 110 -2.94 -13.98 16.73
C TRP D 110 -3.80 -12.69 17.09
N GLU D 111 -3.62 -11.66 16.30
CA GLU D 111 -4.34 -10.41 16.49
C GLU D 111 -5.85 -10.64 16.47
N ALA D 112 -6.43 -11.36 15.50
CA ALA D 112 -7.90 -11.59 15.52
C ALA D 112 -8.26 -12.54 16.68
N PHE D 113 -7.36 -13.54 16.90
CA PHE D 113 -7.66 -14.56 17.91
C PHE D 113 -7.77 -13.84 19.35
N TYR D 114 -6.78 -13.07 19.69
CA TYR D 114 -6.74 -12.29 20.90
C TYR D 114 -7.89 -11.25 20.96
N HIS D 115 -8.19 -10.65 19.82
CA HIS D 115 -9.29 -9.72 19.80
C HIS D 115 -10.63 -10.36 20.28
N MET D 116 -10.83 -11.59 19.83
CA MET D 116 -12.08 -12.16 19.98
C MET D 116 -12.11 -12.82 21.39
N TYR D 117 -11.00 -13.31 21.88
CA TYR D 117 -11.00 -14.22 23.03
C TYR D 117 -10.17 -13.69 24.17
N GLY D 118 -9.49 -12.58 24.01
CA GLY D 118 -8.54 -12.13 25.05
C GLY D 118 -9.25 -11.75 26.37
N ASP D 119 -10.49 -11.30 26.29
CA ASP D 119 -11.17 -10.93 27.53
C ASP D 119 -12.01 -12.06 28.05
N VAL D 120 -12.54 -12.96 27.20
CA VAL D 120 -13.33 -14.03 27.68
C VAL D 120 -12.62 -15.38 27.94
N ARG D 121 -11.42 -15.62 27.35
CA ARG D 121 -10.74 -16.94 27.46
C ARG D 121 -9.32 -16.75 27.68
N PRO D 122 -8.99 -16.02 28.75
CA PRO D 122 -7.60 -15.77 29.19
C PRO D 122 -6.89 -17.03 29.65
N ASP D 123 -7.60 -18.18 29.83
CA ASP D 123 -6.84 -19.42 30.06
C ASP D 123 -6.05 -19.81 28.82
N LEU D 124 -6.50 -19.34 27.65
CA LEU D 124 -5.86 -19.76 26.40
C LEU D 124 -4.68 -18.90 26.00
N MET D 125 -4.44 -17.77 26.67
CA MET D 125 -3.38 -16.83 26.32
C MET D 125 -2.18 -16.89 27.23
N TYR D 126 -0.96 -16.91 26.71
CA TYR D 126 0.24 -17.03 27.51
C TYR D 126 1.14 -15.91 27.21
N VAL D 127 1.89 -15.55 28.24
CA VAL D 127 3.03 -14.68 28.12
C VAL D 127 4.14 -15.34 28.96
N LYS D 128 5.30 -14.74 28.82
CA LYS D 128 6.55 -15.05 29.43
C LYS D 128 6.85 -13.75 30.16
N LEU D 129 7.07 -13.87 31.47
CA LEU D 129 7.10 -12.77 32.40
C LEU D 129 8.37 -12.84 33.26
N GLY D 130 9.18 -11.78 33.21
CA GLY D 130 10.21 -11.56 34.24
C GLY D 130 11.73 -11.72 34.06
N PRO D 131 12.31 -12.80 34.69
CA PRO D 131 13.73 -12.89 34.97
C PRO D 131 14.54 -13.20 33.70
N GLU D 132 14.33 -14.44 33.23
CA GLU D 132 14.83 -15.08 32.01
C GLU D 132 13.54 -15.63 31.35
N GLN D 133 12.47 -15.60 32.13
CA GLN D 133 11.04 -15.67 31.73
C GLN D 133 10.16 -16.95 31.59
N LYS D 134 9.31 -16.95 32.71
CA LYS D 134 8.31 -17.93 33.12
C LYS D 134 6.99 -17.76 32.38
N LEU D 135 6.51 -18.94 32.03
CA LEU D 135 5.32 -19.10 31.31
C LEU D 135 4.14 -18.98 32.24
N ILE D 136 3.20 -18.12 31.85
CA ILE D 136 2.07 -17.84 32.69
C ILE D 136 0.88 -17.52 31.82
N SER D 137 -0.24 -18.16 32.04
CA SER D 137 -1.46 -17.68 31.44
C SER D 137 -1.90 -16.25 31.95
N GLU D 138 -2.76 -15.57 31.19
CA GLU D 138 -3.27 -14.32 31.62
C GLU D 138 -4.39 -14.57 32.66
N GLU D 139 -4.98 -15.74 32.67
CA GLU D 139 -5.94 -16.08 33.72
C GLU D 139 -5.17 -16.09 35.07
N ASP D 140 -4.07 -16.79 35.14
CA ASP D 140 -3.21 -16.77 36.31
C ASP D 140 -2.59 -15.44 36.65
N LEU D 141 -2.20 -14.69 35.65
CA LEU D 141 -1.78 -13.31 35.85
C LEU D 141 -2.90 -12.39 36.43
N ASN D 142 -4.16 -12.66 36.03
CA ASN D 142 -5.32 -11.82 36.37
C ASN D 142 -5.62 -12.10 37.90
N SER D 143 -5.67 -13.39 38.23
CA SER D 143 -5.62 -13.87 39.61
C SER D 143 -4.48 -13.26 40.47
N ALA D 144 -3.22 -13.45 40.09
CA ALA D 144 -2.09 -12.93 40.84
C ALA D 144 -2.18 -11.43 41.10
N VAL D 145 -2.79 -10.74 40.14
CA VAL D 145 -2.90 -9.28 40.21
C VAL D 145 -4.00 -8.90 41.20
N ASP D 146 -5.13 -9.63 41.12
CA ASP D 146 -6.28 -9.41 41.95
C ASP D 146 -5.77 -9.48 43.44
N HIS D 147 -4.99 -10.52 43.78
CA HIS D 147 -4.32 -10.64 45.09
C HIS D 147 -3.26 -9.55 45.54
N ASN E 3 20.42 -0.83 8.12
CA ASN E 3 20.88 0.68 8.05
C ASN E 3 21.76 1.49 6.99
N TYR E 4 21.65 2.82 7.03
CA TYR E 4 22.29 3.70 6.06
C TYR E 4 22.51 5.04 6.75
N THR E 5 23.26 5.91 6.11
CA THR E 5 23.19 7.24 6.57
C THR E 5 22.95 8.11 5.36
N TYR E 6 22.87 9.40 5.62
CA TYR E 6 22.44 10.36 4.61
C TYR E 6 23.64 10.99 3.94
N ILE E 7 23.48 11.34 2.67
CA ILE E 7 24.52 12.06 1.99
C ILE E 7 23.85 13.23 1.35
N LYS E 8 24.48 14.37 1.36
CA LYS E 8 23.91 15.53 0.71
C LYS E 8 24.28 15.61 -0.75
N PRO E 9 23.56 16.47 -1.50
CA PRO E 9 23.76 16.65 -2.94
C PRO E 9 25.18 17.14 -3.31
N GLU E 10 25.65 18.16 -2.60
CA GLU E 10 27.06 18.59 -2.63
C GLU E 10 27.99 17.44 -2.45
N GLU E 11 27.82 16.62 -1.42
CA GLU E 11 28.66 15.44 -1.24
C GLU E 11 28.60 14.47 -2.41
N LEU E 12 27.41 14.25 -2.98
CA LEU E 12 27.34 13.34 -4.14
C LEU E 12 27.94 13.95 -5.36
N VAL E 13 27.80 15.27 -5.60
CA VAL E 13 28.57 15.81 -6.76
C VAL E 13 30.15 15.69 -6.62
N GLU E 14 30.69 15.84 -5.41
CA GLU E 14 32.12 15.54 -5.09
C GLU E 14 32.48 14.11 -5.49
N LEU E 15 31.60 13.15 -5.16
CA LEU E 15 31.77 11.74 -5.52
C LEU E 15 31.72 11.53 -7.07
N LEU E 16 30.77 12.15 -7.71
CA LEU E 16 30.63 12.03 -9.13
C LEU E 16 31.73 12.81 -9.85
N ASP E 17 32.23 13.89 -9.28
CA ASP E 17 33.32 14.63 -10.02
C ASP E 17 34.72 13.98 -9.93
N ASN E 18 34.86 12.93 -9.15
CA ASN E 18 36.10 12.29 -9.04
C ASN E 18 36.15 10.86 -9.62
N PRO E 19 37.09 10.63 -10.57
CA PRO E 19 37.13 9.31 -11.24
C PRO E 19 37.39 8.17 -10.25
N ASP E 20 38.25 8.39 -9.28
CA ASP E 20 38.63 7.34 -8.35
C ASP E 20 37.43 7.05 -7.49
N SER E 21 36.90 8.10 -6.83
CA SER E 21 35.60 7.97 -6.06
C SER E 21 34.48 7.34 -6.90
N LEU E 22 34.41 7.76 -8.16
CA LEU E 22 33.34 7.37 -9.04
C LEU E 22 33.32 5.86 -9.38
N VAL E 23 34.45 5.24 -9.75
CA VAL E 23 34.50 3.74 -9.87
C VAL E 23 34.24 2.98 -8.54
N LYS E 24 34.40 3.66 -7.40
CA LYS E 24 34.03 3.05 -6.12
C LYS E 24 32.54 3.25 -5.67
N ALA E 25 31.76 3.94 -6.50
CA ALA E 25 30.42 4.37 -6.07
C ALA E 25 29.37 3.83 -7.03
N ALA E 26 28.23 3.41 -6.46
CA ALA E 26 27.04 3.13 -7.31
C ALA E 26 25.89 4.03 -6.94
N VAL E 27 25.14 4.51 -7.93
CA VAL E 27 23.91 5.25 -7.61
C VAL E 27 22.77 4.29 -7.94
N ILE E 28 21.93 4.08 -6.95
CA ILE E 28 20.74 3.24 -7.07
C ILE E 28 19.50 4.13 -7.06
N ASP E 29 18.86 4.16 -8.22
CA ASP E 29 17.66 4.96 -8.47
C ASP E 29 16.44 4.12 -8.09
N CYS E 30 15.66 4.50 -7.07
CA CYS E 30 14.58 3.63 -6.60
C CYS E 30 13.20 4.03 -7.13
N ARG E 31 13.14 4.93 -8.10
CA ARG E 31 11.85 5.41 -8.67
C ARG E 31 11.21 4.37 -9.59
N ASP E 32 9.95 4.56 -9.98
CA ASP E 32 9.21 3.60 -10.79
C ASP E 32 8.67 4.21 -12.07
N SER E 33 7.48 4.79 -12.05
CA SER E 33 7.00 5.40 -13.30
C SER E 33 7.46 6.85 -13.43
N ASP E 34 8.10 7.41 -12.39
CA ASP E 34 8.57 8.83 -12.39
C ASP E 34 10.11 8.91 -12.62
N ARG E 35 10.73 7.77 -12.91
CA ARG E 35 12.14 7.60 -13.03
C ARG E 35 12.70 8.50 -14.19
N ASP E 36 12.01 8.53 -15.36
CA ASP E 36 12.49 9.21 -16.52
C ASP E 36 12.29 10.71 -16.35
N CYS E 37 11.92 11.20 -15.18
CA CYS E 37 11.80 12.64 -15.07
C CYS E 37 13.18 13.25 -15.39
N GLY E 38 14.21 12.56 -14.95
CA GLY E 38 15.57 12.97 -15.20
C GLY E 38 16.36 12.13 -14.22
N PHE E 39 17.62 11.89 -14.47
CA PHE E 39 18.38 10.92 -13.64
C PHE E 39 19.89 11.05 -13.83
N ILE E 40 20.58 10.28 -13.03
CA ILE E 40 22.07 10.33 -12.99
C ILE E 40 22.52 9.28 -14.01
N VAL E 41 23.49 9.64 -14.85
CA VAL E 41 23.89 8.63 -15.92
C VAL E 41 24.45 7.36 -15.23
N ASN E 42 24.23 6.16 -15.77
CA ASN E 42 24.70 4.93 -15.16
C ASN E 42 24.08 4.67 -13.83
N SER E 43 23.03 5.40 -13.43
CA SER E 43 22.30 4.92 -12.22
C SER E 43 21.77 3.50 -12.41
N ILE E 44 21.73 2.75 -11.34
CA ILE E 44 21.02 1.45 -11.35
C ILE E 44 19.56 1.53 -10.87
N ASN E 45 18.62 1.12 -11.71
CA ASN E 45 17.21 1.15 -11.29
C ASN E 45 16.80 -0.10 -10.48
N MET E 46 16.53 0.11 -9.19
CA MET E 46 15.89 -0.90 -8.39
C MET E 46 14.57 -0.25 -7.86
N PRO E 47 13.51 -0.32 -8.68
CA PRO E 47 12.22 0.32 -8.29
C PRO E 47 11.70 -0.37 -7.00
N THR E 48 11.73 0.41 -5.93
CA THR E 48 11.32 -0.16 -4.65
C THR E 48 9.90 -0.82 -4.68
N ILE E 49 8.98 -0.35 -5.49
CA ILE E 49 7.56 -0.88 -5.52
C ILE E 49 7.51 -2.32 -5.97
N SER E 50 8.51 -2.76 -6.77
CA SER E 50 8.37 -4.09 -7.36
C SER E 50 9.60 -4.98 -7.21
N CYS E 51 10.67 -4.49 -6.58
CA CYS E 51 11.87 -5.35 -6.35
C CYS E 51 11.60 -6.37 -5.20
N THR E 52 12.20 -7.55 -5.31
CA THR E 52 11.95 -8.62 -4.38
C THR E 52 13.30 -8.95 -3.73
N GLU E 53 13.21 -9.74 -2.69
CA GLU E 53 14.39 -10.02 -1.85
C GLU E 53 15.62 -10.49 -2.64
N GLU E 54 15.49 -11.44 -3.54
CA GLU E 54 16.70 -11.95 -4.24
C GLU E 54 17.25 -10.94 -5.11
N MET E 55 16.41 -10.02 -5.57
CA MET E 55 17.00 -8.93 -6.40
C MET E 55 17.96 -8.10 -5.57
N TYR E 56 17.64 -7.77 -4.31
CA TYR E 56 18.61 -6.92 -3.53
C TYR E 56 19.85 -7.76 -3.22
N GLU E 57 19.67 -9.11 -3.11
CA GLU E 57 20.79 -10.07 -2.80
C GLU E 57 21.71 -10.12 -3.96
N LYS E 58 21.17 -10.16 -5.19
CA LYS E 58 22.05 -10.20 -6.35
C LYS E 58 22.77 -8.85 -6.49
N LEU E 59 22.04 -7.74 -6.31
CA LEU E 59 22.75 -6.46 -6.35
C LEU E 59 23.95 -6.49 -5.33
N ALA E 60 23.65 -6.81 -4.07
CA ALA E 60 24.64 -6.85 -2.98
C ALA E 60 25.89 -7.68 -3.39
N LYS E 61 25.67 -8.87 -3.91
CA LYS E 61 26.75 -9.65 -4.52
C LYS E 61 27.42 -8.93 -5.65
N THR E 62 26.70 -8.40 -6.61
CA THR E 62 27.37 -7.74 -7.74
C THR E 62 28.28 -6.55 -7.32
N LEU E 63 27.77 -5.74 -6.38
CA LEU E 63 28.48 -4.53 -6.05
C LEU E 63 29.64 -4.81 -5.11
N PHE E 64 29.55 -5.83 -4.27
CA PHE E 64 30.73 -6.34 -3.50
C PHE E 64 31.88 -6.74 -4.41
N GLU E 65 31.53 -7.68 -5.29
CA GLU E 65 32.41 -8.10 -6.35
C GLU E 65 32.97 -6.99 -7.18
N GLU E 66 32.15 -6.01 -7.50
CA GLU E 66 32.68 -4.94 -8.35
C GLU E 66 33.51 -3.98 -7.53
N LYS E 67 33.66 -4.26 -6.25
CA LYS E 67 34.54 -3.43 -5.42
C LYS E 67 33.97 -2.07 -5.01
N LYS E 68 32.66 -1.94 -5.03
CA LYS E 68 32.10 -0.65 -4.79
C LYS E 68 32.29 -0.41 -3.34
N GLU E 69 32.54 0.84 -2.98
CA GLU E 69 32.61 1.17 -1.56
C GLU E 69 31.45 1.99 -1.01
N LEU E 70 30.67 2.58 -1.91
CA LEU E 70 29.56 3.48 -1.58
C LEU E 70 28.38 3.09 -2.46
N ALA E 71 27.21 2.96 -1.80
CA ALA E 71 26.00 2.79 -2.51
C ALA E 71 25.01 3.83 -2.11
N VAL E 72 24.73 4.71 -3.06
CA VAL E 72 23.78 5.83 -2.85
C VAL E 72 22.44 5.60 -3.49
N PHE E 73 21.46 5.50 -2.65
CA PHE E 73 20.08 5.21 -2.99
C PHE E 73 19.41 6.53 -2.98
N HIS E 74 18.66 6.82 -4.04
CA HIS E 74 17.75 8.00 -4.01
C HIS E 74 16.44 7.64 -4.73
N CYS E 75 15.35 8.35 -4.38
CA CYS E 75 14.14 8.35 -5.27
C CYS E 75 13.73 9.81 -5.62
N ALA E 76 12.46 10.16 -5.51
CA ALA E 76 12.14 11.49 -5.90
C ALA E 76 12.40 12.37 -4.74
N GLN E 77 11.88 12.02 -3.56
CA GLN E 77 12.14 12.83 -2.41
C GLN E 77 13.04 12.16 -1.39
N SER E 78 13.31 10.82 -1.53
CA SER E 78 14.09 9.99 -0.56
C SER E 78 13.43 10.02 0.80
N LEU E 79 12.11 9.99 0.80
CA LEU E 79 11.37 9.88 2.01
C LEU E 79 10.76 8.49 2.17
N VAL E 80 10.26 7.91 1.09
CA VAL E 80 9.66 6.59 1.27
C VAL E 80 10.49 5.57 0.49
N ARG E 81 10.71 5.82 -0.81
CA ARG E 81 11.16 4.65 -1.56
C ARG E 81 12.67 4.35 -1.38
N ALA E 82 13.52 5.37 -1.37
CA ALA E 82 14.94 5.12 -1.28
C ALA E 82 15.30 4.56 0.09
N PRO E 83 14.71 5.11 1.17
CA PRO E 83 14.99 4.53 2.47
C PRO E 83 14.56 3.08 2.58
N LYS E 84 13.45 2.71 1.92
CA LYS E 84 13.05 1.31 1.97
C LYS E 84 14.07 0.50 1.14
N GLY E 85 14.44 1.03 -0.02
CA GLY E 85 15.42 0.35 -0.88
C GLY E 85 16.75 0.11 -0.13
N ALA E 86 17.20 1.09 0.65
CA ALA E 86 18.53 0.98 1.36
C ALA E 86 18.35 0.02 2.56
N ASN E 87 17.20 0.12 3.24
CA ASN E 87 16.90 -0.83 4.30
C ASN E 87 17.00 -2.24 3.77
N ARG E 88 16.37 -2.54 2.61
CA ARG E 88 16.30 -3.91 2.10
C ARG E 88 17.69 -4.35 1.63
N PHE E 89 18.44 -3.43 1.03
CA PHE E 89 19.79 -3.68 0.59
C PHE E 89 20.68 -3.95 1.86
N ALA E 90 20.59 -3.10 2.88
CA ALA E 90 21.32 -3.37 4.18
C ALA E 90 21.07 -4.79 4.73
N LEU E 91 19.80 -5.19 4.82
CA LEU E 91 19.35 -6.45 5.28
C LEU E 91 19.95 -7.53 4.41
N ALA E 92 19.94 -7.37 3.08
CA ALA E 92 20.55 -8.37 2.17
C ALA E 92 22.03 -8.51 2.47
N GLN E 93 22.68 -7.38 2.78
CA GLN E 93 24.10 -7.38 3.03
C GLN E 93 24.33 -8.23 4.30
N LYS E 94 23.49 -8.06 5.32
CA LYS E 94 23.71 -8.63 6.61
C LYS E 94 23.52 -10.11 6.45
N LYS E 95 22.57 -10.54 5.60
CA LYS E 95 22.35 -11.94 5.37
C LYS E 95 23.49 -12.58 4.60
N LEU E 96 24.11 -11.87 3.67
CA LEU E 96 25.06 -12.51 2.79
C LEU E 96 26.48 -12.38 3.38
N GLY E 97 26.55 -11.78 4.55
CA GLY E 97 27.79 -11.32 5.20
C GLY E 97 28.70 -10.34 4.49
N TYR E 98 28.16 -9.27 3.84
CA TYR E 98 29.02 -8.26 3.21
C TYR E 98 28.88 -7.01 4.01
N VAL E 99 29.87 -6.15 3.87
CA VAL E 99 29.96 -4.95 4.71
C VAL E 99 30.26 -3.76 3.75
N LEU E 100 30.55 -4.11 2.53
CA LEU E 100 30.82 -3.13 1.58
C LEU E 100 30.02 -3.47 0.29
N PRO E 101 29.49 -2.44 -0.47
CA PRO E 101 29.52 -0.98 -0.23
C PRO E 101 28.77 -0.60 0.99
N ALA E 102 29.17 0.54 1.53
CA ALA E 102 28.53 1.09 2.65
C ALA E 102 27.27 1.85 2.04
N VAL E 103 26.21 2.05 2.83
CA VAL E 103 24.92 2.37 2.28
C VAL E 103 24.54 3.80 2.67
N TYR E 104 24.17 4.56 1.65
CA TYR E 104 23.76 5.93 1.78
C TYR E 104 22.37 6.18 1.12
N VAL E 105 21.61 7.15 1.67
CA VAL E 105 20.43 7.65 1.01
C VAL E 105 20.72 9.12 0.67
N LEU E 106 20.40 9.54 -0.57
CA LEU E 106 20.68 10.90 -0.99
C LEU E 106 19.57 11.76 -0.41
N ARG E 107 19.97 12.67 0.45
CA ARG E 107 19.07 13.46 1.22
C ARG E 107 18.17 14.31 0.28
N GLY E 108 16.85 14.28 0.43
CA GLY E 108 15.99 15.15 -0.42
C GLY E 108 15.78 14.59 -1.82
N GLY E 109 16.49 13.52 -2.10
CA GLY E 109 16.33 12.69 -3.29
C GLY E 109 16.59 13.44 -4.53
N TRP E 110 16.05 12.97 -5.63
CA TRP E 110 16.29 13.63 -6.88
C TRP E 110 15.69 15.06 -6.94
N GLU E 111 14.58 15.29 -6.28
CA GLU E 111 13.95 16.65 -6.29
C GLU E 111 15.02 17.69 -5.83
N ALA E 112 15.65 17.43 -4.69
CA ALA E 112 16.58 18.37 -4.11
C ALA E 112 17.88 18.48 -4.88
N PHE E 113 18.37 17.37 -5.40
CA PHE E 113 19.61 17.33 -6.23
C PHE E 113 19.41 18.25 -7.40
N TYR E 114 18.29 18.05 -8.12
CA TYR E 114 18.02 18.86 -9.31
C TYR E 114 17.69 20.30 -8.93
N HIS E 115 17.02 20.50 -7.81
CA HIS E 115 16.74 21.85 -7.38
C HIS E 115 18.06 22.58 -7.10
N MET E 116 19.02 21.90 -6.47
CA MET E 116 20.30 22.54 -6.18
C MET E 116 21.24 22.71 -7.37
N TYR E 117 21.28 21.74 -8.28
CA TYR E 117 22.31 21.69 -9.26
C TYR E 117 21.76 21.73 -10.65
N GLY E 118 20.47 21.81 -10.82
CA GLY E 118 19.93 21.70 -12.18
C GLY E 118 20.42 22.78 -13.13
N ASP E 119 20.60 24.01 -12.63
CA ASP E 119 21.25 24.92 -13.60
C ASP E 119 22.70 25.27 -13.38
N VAL E 120 23.27 25.11 -12.20
CA VAL E 120 24.71 25.13 -12.22
C VAL E 120 25.42 23.87 -12.79
N ARG E 121 24.85 22.67 -12.72
CA ARG E 121 25.59 21.48 -13.24
C ARG E 121 24.83 20.60 -14.23
N PRO E 122 24.49 21.17 -15.36
CA PRO E 122 23.63 20.47 -16.27
C PRO E 122 24.34 19.32 -16.93
N ASP E 123 25.66 19.29 -16.77
CA ASP E 123 26.40 18.10 -17.20
C ASP E 123 26.00 16.87 -16.38
N LEU E 124 25.46 17.05 -15.19
CA LEU E 124 25.11 15.89 -14.34
C LEU E 124 23.67 15.35 -14.58
N MET E 125 22.90 16.08 -15.37
CA MET E 125 21.47 15.79 -15.43
C MET E 125 21.16 15.11 -16.76
N TYR E 126 20.67 13.88 -16.75
CA TYR E 126 20.28 13.21 -18.00
C TYR E 126 18.78 13.04 -18.15
N VAL E 127 18.34 12.98 -19.43
CA VAL E 127 16.92 12.79 -19.86
C VAL E 127 17.03 11.83 -21.06
N LYS E 128 15.91 11.35 -21.53
CA LYS E 128 15.83 10.56 -22.77
C LYS E 128 14.92 11.32 -23.70
N LEU E 129 15.26 11.31 -24.98
CA LEU E 129 14.73 12.27 -26.00
C LEU E 129 14.52 11.50 -27.27
N GLY E 130 13.57 11.90 -28.07
CA GLY E 130 13.51 11.40 -29.43
C GLY E 130 12.54 10.23 -29.62
N PRO E 131 12.43 9.74 -30.87
CA PRO E 131 11.43 8.69 -31.21
C PRO E 131 12.01 7.41 -30.64
N GLU E 132 13.30 7.47 -30.38
CA GLU E 132 13.97 6.32 -29.81
C GLU E 132 14.35 6.59 -28.37
N GLN E 133 14.08 7.81 -27.88
CA GLN E 133 14.36 8.09 -26.48
C GLN E 133 15.83 7.66 -26.14
N LYS E 134 16.86 8.31 -26.71
CA LYS E 134 18.28 8.09 -26.24
C LYS E 134 18.73 9.04 -25.10
N LEU E 135 19.69 8.60 -24.27
CA LEU E 135 20.25 9.40 -23.18
C LEU E 135 20.87 10.67 -23.66
N ILE E 136 20.70 11.77 -22.94
CA ILE E 136 21.48 12.93 -23.33
C ILE E 136 21.53 13.84 -22.15
N SER E 137 22.68 14.46 -21.91
CA SER E 137 22.77 15.40 -20.81
C SER E 137 22.09 16.76 -21.09
N GLU E 138 21.57 17.40 -20.05
CA GLU E 138 20.96 18.74 -20.25
C GLU E 138 22.03 19.73 -20.74
N GLU E 139 23.30 19.50 -20.36
CA GLU E 139 24.42 20.34 -20.86
C GLU E 139 24.49 20.30 -22.39
N ASP E 140 24.54 19.09 -22.96
CA ASP E 140 24.46 18.94 -24.45
C ASP E 140 23.18 19.43 -25.09
N LEU E 141 22.11 19.51 -24.27
CA LEU E 141 20.87 19.96 -24.82
C LEU E 141 20.98 21.48 -24.97
N ASN E 142 21.42 22.14 -23.90
CA ASN E 142 21.73 23.56 -24.00
C ASN E 142 22.67 23.88 -25.15
N SER E 143 23.70 23.05 -25.38
CA SER E 143 24.68 23.22 -26.52
C SER E 143 24.06 23.12 -27.92
N ALA E 144 23.23 22.07 -28.13
CA ALA E 144 22.54 21.95 -29.39
C ALA E 144 21.56 23.21 -29.60
N VAL E 145 20.89 23.67 -28.55
CA VAL E 145 19.98 24.77 -28.74
C VAL E 145 20.74 26.04 -29.01
N ASP E 146 21.90 26.23 -28.38
CA ASP E 146 22.73 27.46 -28.59
C ASP E 146 23.29 27.57 -30.00
N HIS E 147 23.79 26.45 -30.52
CA HIS E 147 24.24 26.27 -31.93
C HIS E 147 23.19 26.27 -33.00
N ASN F 3 11.76 16.24 7.94
CA ASN F 3 12.95 15.82 8.89
C ASN F 3 13.01 15.62 10.45
N TYR F 4 13.93 14.73 10.85
CA TYR F 4 13.97 14.19 12.21
C TYR F 4 15.39 13.67 12.32
N THR F 5 15.82 13.35 13.54
CA THR F 5 17.07 12.61 13.80
C THR F 5 16.79 11.41 14.70
N TYR F 6 17.69 10.43 14.73
CA TYR F 6 17.44 9.25 15.58
C TYR F 6 17.78 9.47 17.10
N ILE F 7 16.97 8.89 17.99
CA ILE F 7 17.27 8.77 19.41
C ILE F 7 17.44 7.29 19.78
N LYS F 8 18.61 6.89 20.35
CA LYS F 8 18.79 5.49 20.77
C LYS F 8 17.92 5.17 21.98
N PRO F 9 17.55 3.90 22.17
CA PRO F 9 16.73 3.61 23.35
C PRO F 9 17.32 4.08 24.67
N GLU F 10 18.66 4.08 24.80
CA GLU F 10 19.33 4.47 26.07
C GLU F 10 19.01 5.89 26.37
N GLU F 11 19.08 6.70 25.30
CA GLU F 11 18.77 8.10 25.38
C GLU F 11 17.33 8.36 25.70
N LEU F 12 16.44 7.51 25.17
CA LEU F 12 15.02 7.58 25.49
C LEU F 12 14.81 7.32 26.99
N VAL F 13 15.33 6.20 27.49
CA VAL F 13 15.20 5.90 28.92
C VAL F 13 15.81 7.02 29.84
N GLU F 14 16.86 7.69 29.39
CA GLU F 14 17.29 8.89 30.08
C GLU F 14 16.19 9.99 30.16
N LEU F 15 15.49 10.32 29.07
CA LEU F 15 14.40 11.32 29.11
C LEU F 15 13.33 10.85 30.02
N LEU F 16 13.13 9.55 29.96
CA LEU F 16 11.98 8.99 30.62
C LEU F 16 12.15 9.01 32.14
N ASP F 17 13.39 8.87 32.60
CA ASP F 17 13.63 8.72 34.02
C ASP F 17 13.57 10.07 34.79
N ASN F 18 14.08 11.12 34.15
CA ASN F 18 13.72 12.51 34.49
C ASN F 18 12.22 12.87 34.62
N PRO F 19 11.76 13.28 35.83
CA PRO F 19 10.38 13.82 35.85
C PRO F 19 10.29 15.26 35.22
N ASP F 20 11.44 15.93 35.12
CA ASP F 20 11.55 17.28 34.55
C ASP F 20 11.48 17.11 33.05
N SER F 21 12.45 16.40 32.48
CA SER F 21 12.40 16.07 31.05
C SER F 21 11.34 15.02 30.66
N LEU F 22 10.51 14.54 31.59
CA LEU F 22 9.33 13.81 31.16
C LEU F 22 8.25 14.76 30.65
N VAL F 23 8.05 15.90 31.33
CA VAL F 23 7.08 16.91 30.84
C VAL F 23 7.54 17.77 29.64
N LYS F 24 8.84 17.74 29.33
CA LYS F 24 9.33 18.29 28.06
C LYS F 24 9.22 17.27 26.86
N ALA F 25 8.69 16.08 27.09
CA ALA F 25 8.83 15.01 26.10
C ALA F 25 7.51 14.42 25.72
N ALA F 26 7.33 14.16 24.43
CA ALA F 26 6.15 13.37 24.09
C ALA F 26 6.57 12.09 23.32
N VAL F 27 5.85 11.02 23.55
CA VAL F 27 6.21 9.74 22.88
C VAL F 27 5.04 9.40 21.98
N ILE F 28 5.36 9.34 20.70
CA ILE F 28 4.28 9.06 19.71
C ILE F 28 4.39 7.63 19.21
N ASP F 29 3.38 6.86 19.55
CA ASP F 29 3.32 5.45 19.14
C ASP F 29 2.59 5.33 17.78
N CYS F 30 3.32 4.99 16.72
CA CYS F 30 2.74 5.01 15.40
C CYS F 30 2.23 3.61 14.93
N ARG F 31 2.23 2.68 15.86
CA ARG F 31 1.66 1.32 15.52
C ARG F 31 0.15 1.30 15.31
N ASP F 32 -0.37 0.15 14.85
CA ASP F 32 -1.80 0.02 14.58
C ASP F 32 -2.49 -1.18 15.29
N SER F 33 -2.60 -2.31 14.64
CA SER F 33 -3.17 -3.50 15.30
C SER F 33 -2.14 -4.25 16.18
N ASP F 34 -0.86 -3.89 16.03
CA ASP F 34 0.27 -4.44 16.82
C ASP F 34 0.64 -3.52 18.01
N ARG F 35 -0.10 -2.40 18.20
CA ARG F 35 0.14 -1.45 19.34
C ARG F 35 0.06 -2.10 20.72
N ASP F 36 -0.86 -3.03 20.96
CA ASP F 36 -1.03 -3.60 22.27
C ASP F 36 -0.03 -4.69 22.69
N CYS F 37 0.97 -4.96 21.85
CA CYS F 37 2.03 -5.90 22.20
C CYS F 37 2.71 -5.50 23.55
N GLY F 38 2.98 -4.21 23.73
CA GLY F 38 3.39 -3.55 25.02
C GLY F 38 3.73 -2.15 24.58
N PHE F 39 3.77 -1.18 25.49
CA PHE F 39 3.95 0.25 25.08
C PHE F 39 4.42 1.11 26.25
N ILE F 40 4.99 2.26 25.96
CA ILE F 40 5.33 3.26 26.99
C ILE F 40 4.05 3.88 27.55
N VAL F 41 3.94 4.09 28.89
CA VAL F 41 2.69 4.69 29.48
C VAL F 41 2.56 6.16 29.03
N ASN F 42 1.32 6.57 28.74
CA ASN F 42 1.03 7.89 28.09
C ASN F 42 1.77 8.25 26.79
N SER F 43 2.21 7.22 26.04
CA SER F 43 2.52 7.45 24.62
C SER F 43 1.18 7.89 23.98
N ILE F 44 1.24 8.71 22.95
CA ILE F 44 0.06 9.09 22.21
C ILE F 44 0.01 8.16 20.93
N ASN F 45 -1.18 7.60 20.64
CA ASN F 45 -1.33 6.79 19.43
C ASN F 45 -1.69 7.64 18.23
N MET F 46 -0.72 7.74 17.32
CA MET F 46 -0.94 8.30 15.96
C MET F 46 -0.66 7.13 14.91
N PRO F 47 -1.62 6.26 14.71
CA PRO F 47 -1.34 5.14 13.85
C PRO F 47 -1.03 5.64 12.41
N THR F 48 0.22 5.52 12.01
CA THR F 48 0.60 6.05 10.68
C THR F 48 -0.41 5.56 9.58
N ILE F 49 -0.85 4.29 9.64
CA ILE F 49 -1.63 3.77 8.55
C ILE F 49 -2.95 4.52 8.35
N SER F 50 -3.56 5.15 9.38
CA SER F 50 -4.90 5.75 9.23
C SER F 50 -5.00 7.27 9.57
N CYS F 51 -3.89 7.90 10.03
CA CYS F 51 -3.87 9.35 10.36
C CYS F 51 -3.90 10.27 9.15
N THR F 52 -4.56 11.43 9.28
CA THR F 52 -4.76 12.28 8.13
C THR F 52 -3.99 13.57 8.41
N GLU F 53 -3.78 14.38 7.40
CA GLU F 53 -3.00 15.62 7.57
C GLU F 53 -3.42 16.46 8.76
N GLU F 54 -4.73 16.67 8.92
CA GLU F 54 -5.22 17.48 10.01
C GLU F 54 -4.87 17.02 11.40
N MET F 55 -4.76 15.69 11.51
CA MET F 55 -4.43 15.04 12.75
C MET F 55 -3.05 15.39 13.20
N TYR F 56 -2.14 15.51 12.26
CA TYR F 56 -0.75 15.83 12.65
C TYR F 56 -0.67 17.35 13.00
N GLU F 57 -1.36 18.19 12.19
CA GLU F 57 -1.62 19.62 12.55
C GLU F 57 -2.12 19.80 13.93
N LYS F 58 -3.19 19.11 14.33
CA LYS F 58 -3.72 19.30 15.67
C LYS F 58 -2.71 18.84 16.68
N LEU F 59 -2.09 17.71 16.40
CA LEU F 59 -0.98 17.25 17.24
C LEU F 59 0.13 18.24 17.35
N ALA F 60 0.71 18.69 16.27
CA ALA F 60 1.67 19.79 16.34
C ALA F 60 1.26 21.02 17.23
N LYS F 61 0.05 21.54 17.04
CA LYS F 61 -0.50 22.64 17.86
C LYS F 61 -0.49 22.19 19.26
N THR F 62 -1.10 21.03 19.52
CA THR F 62 -1.23 20.58 20.92
C THR F 62 0.14 20.50 21.59
N LEU F 63 1.12 19.90 20.96
CA LEU F 63 2.37 19.71 21.65
C LEU F 63 3.05 21.08 21.89
N PHE F 64 3.08 21.94 20.87
CA PHE F 64 3.45 23.34 21.06
C PHE F 64 2.77 23.95 22.30
N GLU F 65 1.43 23.99 22.37
CA GLU F 65 0.71 24.51 23.56
C GLU F 65 1.44 24.02 24.77
N GLU F 66 1.43 22.69 24.90
CA GLU F 66 1.85 21.97 26.09
C GLU F 66 3.35 22.09 26.34
N LYS F 67 4.04 22.93 25.56
CA LYS F 67 5.44 23.24 25.86
C LYS F 67 6.48 22.16 25.61
N LYS F 68 6.14 21.09 24.87
CA LYS F 68 7.11 20.02 24.66
C LYS F 68 8.31 20.44 23.84
N GLU F 69 9.43 19.79 24.13
CA GLU F 69 10.68 20.13 23.48
C GLU F 69 11.17 18.94 22.60
N LEU F 70 10.71 17.73 22.90
CA LEU F 70 11.10 16.54 22.10
C LEU F 70 9.84 15.72 21.87
N ALA F 71 9.60 15.39 20.58
CA ALA F 71 8.50 14.47 20.13
C ALA F 71 9.26 13.21 19.62
N VAL F 72 9.11 12.10 20.34
CA VAL F 72 9.79 10.79 19.97
C VAL F 72 8.77 9.82 19.33
N PHE F 73 8.94 9.63 18.03
CA PHE F 73 8.09 8.75 17.26
C PHE F 73 8.63 7.31 17.28
N HIS F 74 7.79 6.30 17.49
CA HIS F 74 8.36 4.95 17.30
C HIS F 74 7.27 4.03 16.77
N CYS F 75 7.64 2.97 16.09
CA CYS F 75 6.62 1.97 15.73
C CYS F 75 7.12 0.63 16.25
N ALA F 76 6.99 -0.47 15.50
CA ALA F 76 7.53 -1.79 15.97
C ALA F 76 9.04 -1.83 15.65
N GLN F 77 9.44 -1.48 14.42
CA GLN F 77 10.85 -1.43 14.11
C GLN F 77 11.41 -0.03 13.75
N SER F 78 10.53 0.95 13.64
CA SER F 78 10.95 2.30 13.26
C SER F 78 11.68 2.28 11.95
N LEU F 79 11.25 1.41 11.03
CA LEU F 79 11.78 1.45 9.67
C LEU F 79 10.73 1.99 8.69
N VAL F 80 9.41 1.79 8.96
CA VAL F 80 8.42 2.21 7.99
C VAL F 80 7.49 3.23 8.65
N ARG F 81 6.72 2.82 9.65
CA ARG F 81 5.64 3.64 10.07
C ARG F 81 6.08 4.92 10.89
N ALA F 82 7.06 4.82 11.82
CA ALA F 82 7.47 5.98 12.58
C ALA F 82 8.18 7.01 11.75
N PRO F 83 9.16 6.58 10.86
CA PRO F 83 9.76 7.67 10.03
C PRO F 83 8.68 8.37 9.25
N LYS F 84 7.62 7.68 8.85
CA LYS F 84 6.61 8.38 8.03
C LYS F 84 5.83 9.28 9.00
N GLY F 85 5.54 8.78 10.22
CA GLY F 85 4.90 9.61 11.24
C GLY F 85 5.64 10.97 11.46
N ALA F 86 6.95 10.84 11.70
CA ALA F 86 7.86 12.01 11.84
C ALA F 86 7.93 12.91 10.65
N ASN F 87 8.09 12.37 9.44
CA ASN F 87 8.01 13.17 8.22
C ASN F 87 6.70 13.91 8.17
N ARG F 88 5.56 13.26 8.40
CA ARG F 88 4.31 13.99 8.24
C ARG F 88 4.22 15.08 9.36
N PHE F 89 4.63 14.73 10.58
CA PHE F 89 4.67 15.65 11.68
C PHE F 89 5.53 16.91 11.42
N ALA F 90 6.78 16.74 10.97
CA ALA F 90 7.70 17.84 10.66
C ALA F 90 7.03 18.69 9.57
N LEU F 91 6.30 18.04 8.64
CA LEU F 91 5.75 18.76 7.53
C LEU F 91 4.66 19.72 8.07
N ALA F 92 3.80 19.20 8.97
CA ALA F 92 2.77 19.95 9.69
C ALA F 92 3.31 21.14 10.52
N GLN F 93 4.49 20.93 11.12
CA GLN F 93 5.10 21.95 11.96
C GLN F 93 5.58 23.12 11.10
N LYS F 94 6.29 22.77 10.03
CA LYS F 94 6.70 23.69 9.01
C LYS F 94 5.52 24.49 8.40
N LYS F 95 4.48 23.85 7.88
CA LYS F 95 3.25 24.58 7.55
C LYS F 95 2.72 25.52 8.67
N LEU F 96 2.65 25.06 9.91
CA LEU F 96 2.11 25.91 10.94
C LEU F 96 3.15 26.86 11.58
N GLY F 97 4.39 26.84 11.09
CA GLY F 97 5.44 27.61 11.72
C GLY F 97 5.67 27.28 13.18
N TYR F 98 5.78 25.98 13.52
CA TYR F 98 6.45 25.62 14.78
C TYR F 98 7.85 25.02 14.57
N VAL F 99 8.77 25.27 15.52
CA VAL F 99 10.06 24.57 15.54
C VAL F 99 10.12 23.66 16.77
N LEU F 100 9.17 23.78 17.69
CA LEU F 100 9.20 22.88 18.81
C LEU F 100 7.89 22.16 18.98
N PRO F 101 7.95 20.85 19.47
CA PRO F 101 9.13 20.02 19.77
C PRO F 101 10.03 19.80 18.62
N ALA F 102 11.30 19.50 18.90
CA ALA F 102 12.18 18.94 17.87
C ALA F 102 11.77 17.45 17.63
N VAL F 103 12.17 16.90 16.48
CA VAL F 103 11.51 15.66 16.06
C VAL F 103 12.51 14.53 16.03
N TYR F 104 12.17 13.46 16.75
CA TYR F 104 13.04 12.25 16.73
C TYR F 104 12.29 10.96 16.38
N VAL F 105 13.03 10.00 15.77
CA VAL F 105 12.56 8.58 15.63
C VAL F 105 13.43 7.73 16.59
N LEU F 106 12.79 6.99 17.50
CA LEU F 106 13.46 5.94 18.23
C LEU F 106 14.07 4.82 17.32
N ARG F 107 15.43 4.76 17.20
CA ARG F 107 16.14 3.67 16.49
C ARG F 107 15.65 2.31 16.94
N GLY F 108 15.20 1.50 15.95
CA GLY F 108 14.90 0.06 16.22
C GLY F 108 13.52 -0.07 16.80
N GLY F 109 12.89 1.06 17.10
CA GLY F 109 11.49 1.03 17.52
C GLY F 109 11.23 0.28 18.85
N TRP F 110 9.98 -0.09 19.06
CA TRP F 110 9.60 -0.87 20.21
C TRP F 110 10.39 -2.22 20.41
N GLU F 111 10.68 -2.89 19.30
CA GLU F 111 11.38 -4.16 19.43
C GLU F 111 12.75 -3.97 20.05
N ALA F 112 13.51 -3.01 19.54
CA ALA F 112 14.80 -2.73 20.07
C ALA F 112 14.73 -2.32 21.54
N PHE F 113 13.84 -1.38 21.84
CA PHE F 113 13.66 -0.80 23.17
C PHE F 113 13.36 -1.93 24.15
N TYR F 114 12.37 -2.77 23.81
CA TYR F 114 12.05 -3.86 24.70
C TYR F 114 13.15 -4.95 24.69
N HIS F 115 13.89 -5.07 23.58
CA HIS F 115 14.91 -6.11 23.53
C HIS F 115 15.98 -5.68 24.50
N MET F 116 16.24 -4.38 24.55
CA MET F 116 17.25 -3.84 25.41
C MET F 116 16.82 -3.61 26.90
N TYR F 117 15.55 -3.42 27.22
CA TYR F 117 15.19 -2.97 28.59
C TYR F 117 14.08 -3.79 29.21
N GLY F 118 13.49 -4.69 28.44
CA GLY F 118 12.38 -5.52 28.93
C GLY F 118 12.67 -6.24 30.28
N ASP F 119 13.90 -6.77 30.48
CA ASP F 119 14.21 -7.20 31.88
C ASP F 119 14.87 -6.24 32.90
N VAL F 120 15.85 -5.42 32.52
CA VAL F 120 16.48 -4.40 33.40
C VAL F 120 15.43 -3.44 33.86
N ARG F 121 14.46 -3.17 32.98
CA ARG F 121 13.62 -1.99 33.18
C ARG F 121 12.15 -2.20 33.07
N PRO F 122 11.66 -3.18 33.82
CA PRO F 122 10.28 -3.61 33.65
C PRO F 122 9.23 -2.55 34.01
N ASP F 123 9.69 -1.46 34.58
CA ASP F 123 8.81 -0.43 35.10
C ASP F 123 8.45 0.47 33.89
N LEU F 124 9.27 0.46 32.83
CA LEU F 124 8.92 1.24 31.64
C LEU F 124 7.92 0.54 30.67
N MET F 125 7.41 -0.65 31.02
CA MET F 125 6.86 -1.60 30.03
C MET F 125 5.40 -1.90 30.35
N TYR F 126 4.49 -1.28 29.63
CA TYR F 126 3.10 -1.48 29.94
C TYR F 126 2.48 -2.46 29.00
N VAL F 127 1.46 -3.14 29.54
CA VAL F 127 0.58 -3.94 28.79
C VAL F 127 -0.80 -3.57 29.24
N LYS F 128 -1.80 -4.12 28.56
CA LYS F 128 -3.21 -4.07 28.94
C LYS F 128 -3.59 -5.50 29.31
N LEU F 129 -4.46 -5.69 30.31
CA LEU F 129 -4.67 -7.03 30.84
C LEU F 129 -6.08 -7.29 31.37
N GLY F 130 -6.58 -8.49 31.10
CA GLY F 130 -7.89 -8.93 31.65
C GLY F 130 -9.13 -8.21 31.12
N PRO F 131 -10.34 -8.48 31.68
CA PRO F 131 -11.61 -8.21 30.98
C PRO F 131 -11.78 -6.74 30.66
N GLU F 132 -11.11 -5.91 31.46
CA GLU F 132 -11.16 -4.49 31.24
C GLU F 132 -9.87 -4.03 30.56
N GLN F 133 -8.98 -4.97 30.22
CA GLN F 133 -7.74 -4.66 29.50
C GLN F 133 -7.15 -3.34 30.09
N LYS F 134 -6.81 -3.37 31.39
CA LYS F 134 -6.37 -2.20 32.13
C LYS F 134 -4.86 -2.04 32.10
N LEU F 135 -4.41 -0.81 31.93
CA LEU F 135 -3.00 -0.48 31.84
C LEU F 135 -2.26 -1.03 33.04
N ILE F 136 -1.08 -1.61 32.85
CA ILE F 136 -0.25 -2.05 33.99
C ILE F 136 1.16 -2.32 33.59
N SER F 137 2.13 -1.90 34.41
CA SER F 137 3.51 -2.08 34.12
C SER F 137 3.91 -3.52 34.41
N GLU F 138 4.93 -3.99 33.70
CA GLU F 138 5.38 -5.37 33.87
C GLU F 138 6.06 -5.52 35.26
N GLU F 139 6.73 -4.48 35.71
CA GLU F 139 7.26 -4.46 37.09
C GLU F 139 6.21 -4.98 38.10
N ASP F 140 5.09 -4.25 38.13
CA ASP F 140 3.90 -4.56 38.88
C ASP F 140 3.43 -5.98 38.68
N LEU F 141 3.28 -6.43 37.42
CA LEU F 141 2.90 -7.81 37.16
C LEU F 141 3.87 -8.81 37.81
N ASN F 142 5.16 -8.48 37.76
CA ASN F 142 6.19 -9.37 38.26
C ASN F 142 5.99 -9.49 39.77
N SER F 143 5.76 -8.33 40.38
CA SER F 143 5.48 -8.21 41.81
C SER F 143 4.24 -8.95 42.24
N ALA F 144 3.17 -8.85 41.46
CA ALA F 144 1.93 -9.51 41.79
C ALA F 144 2.09 -11.03 41.70
N VAL F 145 3.00 -11.45 40.84
CA VAL F 145 3.34 -12.85 40.68
C VAL F 145 4.22 -13.35 41.85
N ASP F 146 4.82 -12.44 42.60
CA ASP F 146 5.45 -12.81 43.87
C ASP F 146 4.42 -12.99 45.00
N HIS F 147 4.32 -14.22 45.48
CA HIS F 147 3.12 -14.69 46.19
C HIS F 147 1.89 -14.10 45.51
N1 EPE G . -2.85 -1.19 -3.96
C2 EPE G . -3.33 -1.78 -2.70
C3 EPE G . -3.46 -0.72 -1.56
N4 EPE G . -3.70 0.64 -2.02
C5 EPE G . -3.01 1.04 -3.26
C6 EPE G . -3.60 0.04 -4.23
C7 EPE G . -5.03 1.19 -1.75
C8 EPE G . -4.90 2.15 -0.56
O8 EPE G . -4.83 1.50 0.69
C9 EPE G . -3.04 -2.14 -5.08
C10 EPE G . -1.67 -2.54 -5.62
S EPE G . -1.44 -3.84 -6.87
O1S EPE G . -0.57 -3.39 -7.98
O2S EPE G . -0.78 -5.01 -6.22
O3S EPE G . -2.71 -4.36 -7.37
C1 GOL H . 2.33 -0.84 -22.02
O1 GOL H . 1.25 0.19 -22.08
C2 GOL H . 3.04 -0.82 -23.39
O2 GOL H . 3.42 -2.10 -23.64
C3 GOL H . 4.45 -0.24 -23.45
O3 GOL H . 5.41 -0.97 -22.68
S SO4 I . -1.32 -3.29 -7.01
O1 SO4 I . -0.65 -4.35 -6.26
O2 SO4 I . -0.50 -3.05 -8.24
O3 SO4 I . -1.47 -2.01 -6.26
O4 SO4 I . -2.64 -3.76 -7.29
S SO4 J . 9.46 -9.82 -1.63
O1 SO4 J . 8.58 -9.82 -0.49
O2 SO4 J . 10.67 -10.67 -1.55
O3 SO4 J . 9.50 -8.35 -1.68
O4 SO4 J . 8.73 -10.39 -2.80
N1 EPE K . -4.44 -2.42 0.39
C2 EPE K . -4.07 -1.77 -0.89
C3 EPE K . -2.63 -2.16 -1.35
N4 EPE K . -2.28 -3.48 -0.82
C5 EPE K . -2.67 -3.80 0.56
C6 EPE K . -4.17 -3.89 0.41
C7 EPE K . -2.09 -4.61 -1.77
C8 EPE K . -0.59 -4.59 -2.16
O8 EPE K . -0.32 -3.99 -3.40
C9 EPE K . -5.82 -2.09 0.76
C10 EPE K . -5.84 -1.80 2.27
S EPE K . -7.33 -0.83 2.68
O1S EPE K . -7.51 -0.81 4.14
O2S EPE K . -7.24 0.53 2.22
O3S EPE K . -8.47 -1.47 2.04
C1 GOL L . -12.56 -12.53 5.64
O1 GOL L . -12.49 -13.30 6.82
C2 GOL L . -11.16 -12.68 5.02
O2 GOL L . -10.50 -11.50 5.38
C3 GOL L . -11.27 -12.80 3.52
O3 GOL L . -10.55 -11.72 2.97
C1 GOL M . -14.88 -5.10 15.61
O1 GOL M . -14.43 -6.47 15.48
C2 GOL M . -14.99 -4.93 17.09
O2 GOL M . -16.34 -4.71 17.21
C3 GOL M . -14.24 -3.66 17.50
O3 GOL M . -14.76 -3.25 18.73
S SO4 N . -7.84 18.71 0.70
O1 SO4 N . -7.87 18.99 -0.71
O2 SO4 N . -6.87 19.50 1.41
O3 SO4 N . -7.72 17.26 0.98
O4 SO4 N . -9.12 19.09 1.23
S SO4 O . -7.68 -0.88 2.37
O1 SO4 O . -8.04 -1.16 3.79
O2 SO4 O . -6.29 -1.26 2.18
O3 SO4 O . -7.81 0.57 2.14
O4 SO4 O . -8.65 -1.58 1.48
N1 EPE P . 2.15 9.54 -5.76
C2 EPE P . 3.26 10.21 -4.99
C3 EPE P . 3.70 9.22 -3.93
N4 EPE P . 4.11 7.92 -4.55
C5 EPE P . 3.16 7.29 -5.50
C6 EPE P . 2.56 8.28 -6.46
C7 EPE P . 4.62 6.85 -3.63
C8 EPE P . 6.04 7.01 -2.99
O8 EPE P . 5.93 8.09 -2.11
C9 EPE P . 1.63 10.51 -6.77
C10 EPE P . 0.27 10.03 -7.33
S EPE P . -0.43 11.36 -8.30
O1S EPE P . -1.65 10.80 -8.94
O2S EPE P . -0.64 12.53 -7.53
O3S EPE P . 0.50 11.78 -9.35
C1 GOL Q . -11.08 5.57 -19.86
O1 GOL Q . -10.73 6.61 -18.97
C2 GOL Q . -12.29 5.92 -20.75
O2 GOL Q . -12.86 6.95 -20.01
C3 GOL Q . -13.04 4.60 -21.11
O3 GOL Q . -14.42 4.57 -21.48
N1 EPE R . 3.00 -6.94 8.34
C2 EPE R . 4.33 -6.42 8.86
C3 EPE R . 4.63 -4.97 8.39
N4 EPE R . 3.47 -4.05 8.53
C5 EPE R . 2.13 -4.60 8.26
C6 EPE R . 1.86 -6.05 8.65
C7 EPE R . 3.65 -2.71 7.84
C8 EPE R . 4.76 -1.78 8.42
O8 EPE R . 5.96 -2.29 7.92
C9 EPE R . 2.77 -8.33 8.92
C10 EPE R . 1.64 -9.08 8.25
S EPE R . 1.67 -10.75 8.91
O1S EPE R . 0.50 -11.37 8.34
O2S EPE R . 2.88 -11.39 8.53
O3S EPE R . 1.48 -10.77 10.36
C1 GOL S . -8.25 -6.36 15.25
O1 GOL S . -6.87 -6.50 14.92
C2 GOL S . -8.99 -7.55 14.70
O2 GOL S . -8.88 -7.55 13.30
C3 GOL S . -10.49 -7.42 14.98
O3 GOL S . -11.16 -8.48 14.34
S SO4 T . 10.17 -17.32 0.28
O1 SO4 T . 10.48 -18.40 -0.61
O2 SO4 T . 11.17 -16.84 1.20
O3 SO4 T . 9.36 -18.10 1.17
O4 SO4 T . 9.41 -16.17 -0.31
S SO4 U . -13.00 -19.23 6.96
O1 SO4 U . -14.31 -18.49 6.94
O2 SO4 U . -12.67 -19.59 5.53
O3 SO4 U . -13.17 -20.49 7.67
O4 SO4 U . -11.96 -18.33 7.65
C1 GOL V . 3.10 5.10 -16.82
O1 GOL V . 4.39 4.70 -16.42
C2 GOL V . 2.43 3.89 -17.34
O2 GOL V . 3.48 3.60 -18.18
C3 GOL V . 1.24 4.21 -18.19
O3 GOL V . 1.24 3.29 -19.29
S SO4 W . 9.33 9.43 -2.30
O1 SO4 W . 9.35 7.98 -2.35
O2 SO4 W . 9.85 9.97 -3.53
O3 SO4 W . 10.13 9.78 -1.08
O4 SO4 W . 7.92 9.81 -1.96
S SO4 X . 7.72 -0.98 10.95
O1 SO4 X . 7.75 -2.15 10.09
O2 SO4 X . 9.03 -0.30 11.03
O3 SO4 X . 7.45 -1.47 12.28
O4 SO4 X . 6.69 0.00 10.58
S SO4 Y . -4.38 12.19 4.15
O1 SO4 Y . -3.86 11.99 2.75
O2 SO4 Y . -3.46 11.22 4.89
O3 SO4 Y . -5.80 11.72 4.32
O4 SO4 Y . -4.40 13.57 4.57
#